data_4CQJ
#
_entry.id   4CQJ
#
_cell.length_a   110.490
_cell.length_b   115.050
_cell.length_c   74.970
_cell.angle_alpha   90.00
_cell.angle_beta   111.63
_cell.angle_gamma   90.00
#
_symmetry.space_group_name_H-M   'C 1 2 1'
#
loop_
_entity.id
_entity.type
_entity.pdbx_description
1 polymer "5'-FLUORO-5'-DEOXY-ADENOSINE SYNTHASE"
2 non-polymer "5'-deoxy-2-ethynyl-5'-fluoroadenosine"
3 water water
#
_entity_poly.entity_id   1
_entity_poly.type   'polypeptide(L)'
_entity_poly.pdbx_seq_one_letter_code
;MAANSTRRPIIAFMSDLGTTDDSVAQCKGLMYSICPDVTVVDVCHSMTPWDVEEGARYIVDLPRFFPEGTVFATTTYPAT
GTTTRSVAVRIKQAAKGGARGQWAGSGAGFERAEGSYIYIAPNNGLLTTVLEEHGYLEAYEVTSPKVIPEQPEPTFYSRE
MVAIPSAHLAAGFPLSEVGRPLEDHEIVRFNRPAVEQDGEALVGVVSAIDHPFGNVWTNIHRTDLEKAGIGYGARLRLTL
DGVLPFEAPLTPTFADAGEIGNIAIYLNSRGYLSIARNAASLAYPYHLKEGMSARVEAR
;
_entity_poly.pdbx_strand_id   A,B,C
#
loop_
_chem_comp.id
_chem_comp.type
_chem_comp.name
_chem_comp.formula
EFA non-polymer 5'-deoxy-2-ethynyl-5'-fluoroadenosine 'C12 H12 F N5 O3'
#
# COMPACT_ATOMS: atom_id res chain seq x y z
N ARG A 8 7.94 -12.27 -16.23
CA ARG A 8 9.40 -12.00 -16.09
C ARG A 8 9.88 -10.54 -16.31
N PRO A 9 9.30 -9.77 -17.28
CA PRO A 9 9.67 -8.34 -17.29
C PRO A 9 9.03 -7.62 -16.09
N ILE A 10 9.72 -6.61 -15.60
CA ILE A 10 9.35 -5.97 -14.36
C ILE A 10 9.36 -4.47 -14.51
N ILE A 11 8.34 -3.83 -13.95
CA ILE A 11 8.33 -2.39 -13.81
C ILE A 11 8.26 -2.04 -12.35
N ALA A 12 9.23 -1.27 -11.89
CA ALA A 12 9.17 -0.75 -10.54
C ALA A 12 8.65 0.67 -10.64
N PHE A 13 7.60 0.95 -9.88
CA PHE A 13 6.83 2.16 -10.06
C PHE A 13 6.86 3.04 -8.79
N MET A 14 7.22 4.29 -8.96
CA MET A 14 7.34 5.23 -7.87
C MET A 14 6.62 6.49 -8.32
N SER A 15 5.66 6.97 -7.52
CA SER A 15 4.98 8.21 -7.87
C SER A 15 4.69 9.06 -6.65
N ASP A 16 4.07 10.20 -6.94
CA ASP A 16 3.56 11.08 -5.92
C ASP A 16 2.03 11.03 -5.94
N LEU A 17 1.48 9.99 -6.58
CA LEU A 17 0.03 9.88 -6.78
C LEU A 17 -0.77 9.49 -5.54
N GLY A 18 -0.09 9.02 -4.50
CA GLY A 18 -0.77 8.62 -3.28
C GLY A 18 -1.41 7.24 -3.40
N THR A 19 -1.95 6.77 -2.29
CA THR A 19 -2.48 5.43 -2.17
C THR A 19 -3.96 5.50 -1.78
N THR A 20 -4.61 6.64 -2.02
CA THR A 20 -5.96 6.84 -1.51
C THR A 20 -7.06 6.91 -2.59
N ASP A 21 -6.69 6.82 -3.85
CA ASP A 21 -7.71 6.77 -4.88
C ASP A 21 -7.31 5.78 -5.98
N ASP A 22 -7.94 5.87 -7.13
CA ASP A 22 -7.70 4.93 -8.22
C ASP A 22 -6.54 5.32 -9.15
N SER A 23 -5.80 6.38 -8.84
CA SER A 23 -4.79 6.91 -9.76
C SER A 23 -3.75 5.91 -10.18
N VAL A 24 -3.13 5.30 -9.18
CA VAL A 24 -2.09 4.32 -9.41
C VAL A 24 -2.63 3.12 -10.17
N ALA A 25 -3.85 2.70 -9.84
CA ALA A 25 -4.44 1.54 -10.46
C ALA A 25 -4.67 1.73 -11.95
N GLN A 26 -5.04 2.94 -12.35
CA GLN A 26 -5.24 3.28 -13.77
C GLN A 26 -3.95 3.09 -14.57
N CYS A 27 -2.85 3.59 -14.01
CA CYS A 27 -1.53 3.32 -14.55
C CYS A 27 -1.28 1.82 -14.65
N LYS A 28 -1.60 1.08 -13.59
CA LYS A 28 -1.33 -0.36 -13.59
C LYS A 28 -2.16 -1.07 -14.63
N GLY A 29 -3.45 -0.79 -14.67
CA GLY A 29 -4.33 -1.39 -15.66
C GLY A 29 -3.71 -1.29 -17.05
N LEU A 30 -3.26 -0.09 -17.37
CA LEU A 30 -2.62 0.18 -18.63
C LEU A 30 -1.34 -0.62 -18.81
N MET A 31 -0.56 -0.76 -17.74
CA MET A 31 0.67 -1.53 -17.81
C MET A 31 0.41 -2.99 -18.17
N TYR A 32 -0.65 -3.58 -17.63
CA TYR A 32 -1.00 -4.97 -17.90
C TYR A 32 -1.65 -5.05 -19.27
N SER A 33 -2.24 -3.95 -19.73
CA SER A 33 -2.81 -3.91 -21.05
C SER A 33 -1.72 -3.96 -22.12
N ILE A 34 -0.62 -3.27 -21.87
CA ILE A 34 0.44 -3.14 -22.86
C ILE A 34 1.42 -4.32 -22.80
N CYS A 35 1.50 -4.96 -21.64
CA CYS A 35 2.48 -6.00 -21.40
C CYS A 35 1.92 -6.97 -20.37
N PRO A 36 1.10 -7.95 -20.81
CA PRO A 36 0.30 -8.77 -19.87
C PRO A 36 1.11 -9.61 -18.88
N ASP A 37 2.34 -9.97 -19.24
CA ASP A 37 3.17 -10.81 -18.37
C ASP A 37 4.06 -9.99 -17.43
N VAL A 38 3.89 -8.67 -17.42
CA VAL A 38 4.70 -7.80 -16.57
C VAL A 38 4.34 -8.00 -15.12
N THR A 39 5.34 -7.81 -14.27
CA THR A 39 5.12 -7.71 -12.85
C THR A 39 5.36 -6.27 -12.48
N VAL A 40 4.38 -5.67 -11.83
CA VAL A 40 4.52 -4.30 -11.38
C VAL A 40 4.85 -4.32 -9.90
N VAL A 41 5.92 -3.65 -9.52
CA VAL A 41 6.33 -3.53 -8.14
C VAL A 41 6.24 -2.08 -7.73
N ASP A 42 5.48 -1.84 -6.68
CA ASP A 42 5.39 -0.53 -6.10
C ASP A 42 6.65 -0.20 -5.32
N VAL A 43 7.23 0.93 -5.62
CA VAL A 43 8.30 1.40 -4.83
C VAL A 43 7.63 2.13 -3.69
N CYS A 44 7.17 3.35 -3.93
CA CYS A 44 6.24 4.00 -3.02
C CYS A 44 5.50 5.10 -3.74
N HIS A 45 4.35 5.47 -3.21
CA HIS A 45 3.48 6.46 -3.86
C HIS A 45 3.17 7.61 -2.93
N SER A 46 3.98 7.72 -1.87
CA SER A 46 3.73 8.61 -0.74
C SER A 46 4.60 9.83 -0.70
N MET A 47 5.46 10.04 -1.69
CA MET A 47 6.39 11.17 -1.62
C MET A 47 5.64 12.48 -1.55
N THR A 48 6.30 13.46 -0.96
CA THR A 48 5.76 14.81 -0.92
C THR A 48 5.63 15.25 -2.37
N PRO A 49 4.43 15.65 -2.77
CA PRO A 49 4.25 16.06 -4.15
C PRO A 49 5.22 17.15 -4.53
N TRP A 50 5.79 17.01 -5.73
CA TRP A 50 6.60 18.04 -6.40
C TRP A 50 8.02 18.20 -5.85
N ASP A 51 8.35 17.45 -4.79
CA ASP A 51 9.70 17.49 -4.21
C ASP A 51 10.60 16.47 -4.93
N VAL A 52 11.26 16.92 -5.99
CA VAL A 52 12.05 16.02 -6.83
C VAL A 52 13.23 15.47 -6.05
N GLU A 53 13.77 16.24 -5.11
CA GLU A 53 14.88 15.77 -4.28
C GLU A 53 14.47 14.55 -3.47
N GLU A 54 13.28 14.57 -2.90
CA GLU A 54 12.79 13.43 -2.11
C GLU A 54 12.53 12.20 -2.97
N GLY A 55 11.91 12.40 -4.13
CA GLY A 55 11.74 11.30 -5.09
C GLY A 55 13.08 10.72 -5.49
N ALA A 56 14.06 11.58 -5.75
CA ALA A 56 15.39 11.14 -6.15
C ALA A 56 15.92 10.12 -5.19
N ARG A 57 15.79 10.39 -3.90
CA ARG A 57 16.33 9.49 -2.86
C ARG A 57 15.73 8.09 -2.94
N TYR A 58 14.42 8.02 -3.17
CA TYR A 58 13.71 6.73 -3.18
C TYR A 58 14.04 5.85 -4.39
N ILE A 59 14.67 6.39 -5.41
CA ILE A 59 14.90 5.62 -6.63
C ILE A 59 16.37 5.37 -6.96
N VAL A 60 17.26 6.13 -6.32
CA VAL A 60 18.66 6.06 -6.70
C VAL A 60 19.29 4.70 -6.40
N ASP A 61 18.79 3.98 -5.39
CA ASP A 61 19.42 2.74 -4.96
C ASP A 61 18.82 1.46 -5.44
N LEU A 62 17.79 1.56 -6.25
CA LEU A 62 17.02 0.40 -6.62
C LEU A 62 17.73 -0.61 -7.51
N PRO A 63 18.56 -0.15 -8.44
CA PRO A 63 18.93 -1.11 -9.50
C PRO A 63 19.58 -2.42 -9.03
N ARG A 64 20.45 -2.38 -8.02
CA ARG A 64 21.17 -3.58 -7.65
C ARG A 64 20.29 -4.63 -7.04
N PHE A 65 19.11 -4.23 -6.56
CA PHE A 65 18.16 -5.16 -5.95
C PHE A 65 17.30 -5.88 -6.97
N PHE A 66 17.19 -5.34 -8.17
CA PHE A 66 16.25 -5.86 -9.16
C PHE A 66 16.92 -6.67 -10.24
N PRO A 67 16.16 -7.61 -10.87
CA PRO A 67 16.69 -8.40 -11.99
C PRO A 67 16.99 -7.50 -13.17
N GLU A 68 18.00 -7.89 -13.94
CA GLU A 68 18.42 -7.12 -15.11
C GLU A 68 17.25 -7.03 -16.07
N GLY A 69 17.10 -5.89 -16.73
CA GLY A 69 15.99 -5.67 -17.66
C GLY A 69 14.84 -4.90 -17.04
N THR A 70 14.92 -4.67 -15.73
CA THR A 70 13.86 -3.98 -14.99
C THR A 70 13.78 -2.52 -15.44
N VAL A 71 12.55 -2.06 -15.64
CA VAL A 71 12.29 -0.65 -15.94
C VAL A 71 11.78 0.08 -14.69
N PHE A 72 12.39 1.21 -14.36
CA PHE A 72 11.96 2.05 -13.29
C PHE A 72 11.16 3.19 -13.87
N ALA A 73 9.87 3.20 -13.59
CA ALA A 73 9.00 4.28 -13.95
C ALA A 73 8.84 5.14 -12.71
N THR A 74 9.25 6.39 -12.81
CA THR A 74 9.45 7.21 -11.64
C THR A 74 8.92 8.59 -11.92
N THR A 75 8.00 9.09 -11.09
CA THR A 75 7.37 10.35 -11.43
C THR A 75 6.74 11.17 -10.33
N THR A 76 7.20 12.41 -10.22
CA THR A 76 6.33 13.49 -9.84
C THR A 76 6.34 14.47 -11.02
N TYR A 77 5.16 14.89 -11.46
CA TYR A 77 5.04 15.57 -12.73
C TYR A 77 4.35 16.94 -12.64
N PRO A 78 4.93 17.87 -11.88
CA PRO A 78 4.30 19.18 -11.72
C PRO A 78 4.08 19.94 -13.03
N ALA A 79 4.87 19.61 -14.04
CA ALA A 79 4.74 20.20 -15.37
C ALA A 79 3.78 19.45 -16.28
N THR A 80 2.90 18.62 -15.72
CA THR A 80 1.91 17.90 -16.52
C THR A 80 1.10 18.86 -17.39
N GLY A 81 0.77 18.42 -18.60
CA GLY A 81 -0.03 19.23 -19.52
C GLY A 81 0.70 20.32 -20.30
N THR A 82 2.00 20.51 -20.04
CA THR A 82 2.79 21.47 -20.79
C THR A 82 3.48 20.73 -21.93
N THR A 83 4.37 21.44 -22.63
CA THR A 83 5.09 20.88 -23.78
C THR A 83 6.25 19.97 -23.41
N THR A 84 6.55 19.84 -22.13
CA THR A 84 7.63 19.00 -21.69
C THR A 84 7.37 17.55 -22.02
N ARG A 85 8.45 16.79 -22.19
CA ARG A 85 8.34 15.39 -22.46
C ARG A 85 9.25 14.64 -21.53
N SER A 86 8.89 13.42 -21.21
CA SER A 86 9.73 12.61 -20.38
C SER A 86 11.04 12.26 -21.07
N VAL A 87 11.97 11.79 -20.25
CA VAL A 87 13.23 11.29 -20.69
C VAL A 87 13.30 9.83 -20.29
N ALA A 88 13.82 8.98 -21.19
CA ALA A 88 14.08 7.57 -20.87
C ALA A 88 15.58 7.30 -21.01
N VAL A 89 16.16 6.69 -19.99
CA VAL A 89 17.60 6.60 -19.84
C VAL A 89 17.99 5.17 -19.53
N ARG A 90 19.02 4.69 -20.22
CA ARG A 90 19.64 3.42 -19.89
C ARG A 90 20.86 3.76 -19.08
N ILE A 91 20.87 3.37 -17.82
CA ILE A 91 21.98 3.71 -16.94
C ILE A 91 23.15 2.77 -17.20
N LYS A 92 24.32 3.16 -16.70
CA LYS A 92 25.55 2.42 -17.00
C LYS A 92 25.83 1.32 -15.96
N GLN A 93 26.31 1.71 -14.79
CA GLN A 93 26.63 0.76 -13.71
C GLN A 93 25.45 0.71 -12.70
N ALA A 94 25.05 -0.50 -12.31
CA ALA A 94 24.11 -0.68 -11.22
C ALA A 94 24.73 -0.25 -9.90
N ALA A 95 26.06 -0.20 -9.86
CA ALA A 95 26.84 0.37 -8.75
C ALA A 95 26.77 -0.50 -7.51
N LYS A 96 27.84 -0.52 -6.73
CA LYS A 96 27.78 -1.07 -5.38
C LYS A 96 27.16 -0.01 -4.46
N GLY A 97 26.59 -0.45 -3.33
CA GLY A 97 26.00 0.46 -2.34
C GLY A 97 26.04 -0.11 -0.93
N GLY A 98 25.36 0.58 -0.01
CA GLY A 98 25.34 0.16 1.37
C GLY A 98 26.49 0.72 2.18
N ALA A 99 26.54 0.32 3.45
CA ALA A 99 27.53 0.83 4.42
C ALA A 99 29.00 0.50 4.08
N ARG A 100 29.23 -0.57 3.30
CA ARG A 100 30.58 -1.01 2.93
C ARG A 100 30.89 -0.80 1.45
N GLY A 101 29.93 -1.10 0.59
CA GLY A 101 30.13 -1.09 -0.86
C GLY A 101 30.18 -2.52 -1.36
N GLN A 102 29.02 -3.04 -1.76
CA GLN A 102 28.86 -4.45 -2.11
C GLN A 102 27.68 -4.64 -3.07
N TRP A 103 27.59 -5.82 -3.66
CA TRP A 103 26.35 -6.19 -4.31
C TRP A 103 25.36 -6.71 -3.26
N ALA A 104 24.10 -6.78 -3.64
CA ALA A 104 23.02 -7.21 -2.76
C ALA A 104 22.69 -8.65 -3.05
N GLY A 105 22.20 -9.35 -2.04
CA GLY A 105 21.73 -10.72 -2.22
C GLY A 105 22.46 -11.68 -1.35
N SER A 106 22.08 -12.95 -1.44
CA SER A 106 22.72 -14.02 -0.69
C SER A 106 24.16 -14.26 -1.20
N GLY A 107 24.93 -14.99 -0.40
CA GLY A 107 26.33 -15.18 -0.69
C GLY A 107 27.09 -13.87 -0.74
N ALA A 108 27.87 -13.70 -1.80
CA ALA A 108 28.64 -12.47 -2.02
C ALA A 108 27.86 -11.48 -2.89
N GLY A 109 26.59 -11.79 -3.17
CA GLY A 109 25.70 -10.87 -3.85
C GLY A 109 25.48 -11.28 -5.29
N PHE A 110 24.53 -10.63 -5.93
CA PHE A 110 24.24 -10.86 -7.32
C PHE A 110 24.82 -9.66 -8.02
N GLU A 111 25.85 -9.88 -8.84
CA GLU A 111 26.42 -8.78 -9.57
C GLU A 111 25.64 -8.61 -10.87
N ARG A 112 25.54 -7.36 -11.31
CA ARG A 112 24.62 -6.98 -12.38
C ARG A 112 25.42 -6.43 -13.54
N ALA A 113 25.07 -6.87 -14.74
CA ALA A 113 25.70 -6.39 -15.95
C ALA A 113 25.47 -4.89 -16.13
N GLU A 114 26.40 -4.21 -16.81
CA GLU A 114 26.19 -2.80 -17.18
C GLU A 114 25.04 -2.67 -18.16
N GLY A 115 24.47 -1.47 -18.24
CA GLY A 115 23.35 -1.20 -19.16
C GLY A 115 22.10 -2.08 -19.04
N SER A 116 21.82 -2.58 -17.84
CA SER A 116 20.74 -3.54 -17.66
C SER A 116 19.44 -2.95 -17.12
N TYR A 117 19.39 -1.63 -16.99
CA TYR A 117 18.27 -0.98 -16.34
C TYR A 117 17.89 0.30 -17.07
N ILE A 118 16.60 0.56 -17.18
CA ILE A 118 16.09 1.77 -17.80
C ILE A 118 15.25 2.56 -16.79
N TYR A 119 15.49 3.85 -16.71
CA TYR A 119 14.66 4.73 -15.93
C TYR A 119 13.85 5.55 -16.89
N ILE A 120 12.60 5.82 -16.56
CA ILE A 120 11.81 6.73 -17.36
C ILE A 120 11.10 7.69 -16.44
N ALA A 121 11.23 8.99 -16.73
CA ALA A 121 10.86 10.01 -15.78
C ALA A 121 10.62 11.33 -16.44
N PRO A 122 9.83 12.18 -15.80
CA PRO A 122 9.83 13.56 -16.22
C PRO A 122 11.23 14.10 -16.26
N ASN A 123 11.48 15.00 -17.18
CA ASN A 123 12.78 15.62 -17.30
C ASN A 123 12.69 16.89 -16.50
N ASN A 124 12.66 16.71 -15.17
CA ASN A 124 12.53 17.82 -14.23
C ASN A 124 13.52 17.73 -13.08
N GLY A 125 14.52 16.88 -13.23
CA GLY A 125 15.58 16.80 -12.23
C GLY A 125 15.53 15.52 -11.45
N LEU A 126 14.44 14.76 -11.62
CA LEU A 126 14.18 13.61 -10.76
C LEU A 126 15.27 12.56 -10.85
N LEU A 127 15.96 12.48 -11.99
CA LEU A 127 17.03 11.48 -12.17
C LEU A 127 18.43 12.02 -11.91
N THR A 128 18.52 13.23 -11.35
CA THR A 128 19.81 13.83 -11.09
C THR A 128 20.79 12.87 -10.40
N THR A 129 20.39 12.28 -9.29
CA THR A 129 21.31 11.46 -8.51
C THR A 129 21.47 10.08 -9.12
N VAL A 130 20.46 9.62 -9.86
CA VAL A 130 20.58 8.37 -10.61
C VAL A 130 21.73 8.45 -11.61
N LEU A 131 21.80 9.55 -12.33
CA LEU A 131 22.84 9.76 -13.31
C LEU A 131 24.22 9.93 -12.67
N GLU A 132 24.29 10.71 -11.59
CA GLU A 132 25.51 10.85 -10.78
C GLU A 132 26.08 9.51 -10.32
N GLU A 133 25.26 8.68 -9.71
CA GLU A 133 25.77 7.46 -9.10
C GLU A 133 25.91 6.32 -10.09
N HIS A 134 25.12 6.33 -11.15
CA HIS A 134 25.09 5.21 -12.06
C HIS A 134 25.66 5.54 -13.44
N GLY A 135 25.74 6.81 -13.82
CA GLY A 135 26.07 7.19 -15.18
C GLY A 135 25.00 6.68 -16.15
N TYR A 136 25.09 7.05 -17.42
CA TYR A 136 24.16 6.50 -18.41
C TYR A 136 24.81 6.27 -19.76
N LEU A 137 24.28 5.31 -20.51
CA LEU A 137 24.75 5.01 -21.87
C LEU A 137 24.01 5.81 -22.93
N GLU A 138 22.70 5.93 -22.78
CA GLU A 138 21.88 6.59 -23.79
C GLU A 138 20.68 7.25 -23.12
N ALA A 139 20.15 8.29 -23.73
CA ALA A 139 19.06 9.04 -23.17
C ALA A 139 18.22 9.62 -24.28
N TYR A 140 16.90 9.43 -24.17
CA TYR A 140 15.96 9.90 -25.19
C TYR A 140 14.79 10.69 -24.62
N GLU A 141 14.29 11.63 -25.43
CA GLU A 141 13.04 12.30 -25.21
C GLU A 141 11.98 11.32 -25.66
N VAL A 142 10.95 11.15 -24.85
CA VAL A 142 9.90 10.18 -25.13
C VAL A 142 8.77 10.89 -25.89
N THR A 143 8.72 10.74 -27.21
CA THR A 143 7.75 11.47 -28.05
C THR A 143 6.94 10.63 -29.02
N SER A 144 7.37 9.41 -29.31
CA SER A 144 6.69 8.62 -30.31
C SER A 144 5.25 8.29 -29.89
N PRO A 145 4.28 8.52 -30.80
CA PRO A 145 2.91 8.09 -30.52
C PRO A 145 2.73 6.58 -30.43
N LYS A 146 3.76 5.80 -30.75
CA LYS A 146 3.69 4.38 -30.48
C LYS A 146 3.74 4.10 -28.96
N VAL A 147 4.39 4.96 -28.19
CA VAL A 147 4.56 4.70 -26.77
C VAL A 147 3.89 5.72 -25.84
N ILE A 148 3.38 6.82 -26.40
CA ILE A 148 2.56 7.75 -25.58
C ILE A 148 1.27 8.01 -26.34
N PRO A 149 0.27 8.58 -25.64
CA PRO A 149 -0.99 8.89 -26.31
C PRO A 149 -0.86 10.07 -27.25
N GLU A 150 -1.58 10.04 -28.36
CA GLU A 150 -1.61 11.18 -29.27
C GLU A 150 -2.31 12.35 -28.61
N GLN A 151 -3.25 12.06 -27.71
CA GLN A 151 -3.95 13.09 -26.97
C GLN A 151 -3.80 12.83 -25.45
N PRO A 152 -2.63 13.20 -24.90
CA PRO A 152 -2.42 12.98 -23.48
C PRO A 152 -3.33 13.82 -22.58
N GLU A 153 -3.90 13.18 -21.56
CA GLU A 153 -4.67 13.86 -20.50
C GLU A 153 -3.85 14.96 -19.82
N PRO A 154 -4.27 16.22 -19.93
CA PRO A 154 -3.38 17.30 -19.50
C PRO A 154 -2.92 17.24 -18.04
N THR A 155 -3.81 16.82 -17.14
CA THR A 155 -3.50 16.75 -15.72
C THR A 155 -2.96 15.38 -15.29
N PHE A 156 -2.63 14.48 -16.23
CA PHE A 156 -2.12 13.19 -15.80
C PHE A 156 -0.92 12.66 -16.62
N TYR A 157 0.05 13.52 -16.92
CA TYR A 157 1.28 13.06 -17.59
C TYR A 157 2.04 11.94 -16.86
N SER A 158 1.88 11.81 -15.55
CA SER A 158 2.44 10.67 -14.81
C SER A 158 1.97 9.37 -15.41
N ARG A 159 0.71 9.33 -15.84
CA ARG A 159 0.17 8.13 -16.47
C ARG A 159 0.55 8.11 -17.94
N GLU A 160 0.42 9.25 -18.59
CA GLU A 160 0.46 9.28 -20.04
C GLU A 160 1.90 9.28 -20.56
N MET A 161 2.80 9.93 -19.83
CA MET A 161 4.18 10.15 -20.28
C MET A 161 5.25 9.34 -19.54
N VAL A 162 4.83 8.53 -18.58
CA VAL A 162 5.75 7.72 -17.83
C VAL A 162 5.28 6.29 -17.73
N ALA A 163 4.06 6.10 -17.29
CA ALA A 163 3.55 4.77 -17.04
C ALA A 163 3.29 3.99 -18.33
N ILE A 164 2.65 4.65 -19.28
CA ILE A 164 2.32 4.01 -20.53
C ILE A 164 3.60 3.59 -21.24
N PRO A 165 4.49 4.57 -21.50
CA PRO A 165 5.72 4.22 -22.23
C PRO A 165 6.63 3.26 -21.47
N SER A 166 6.59 3.24 -20.15
CA SER A 166 7.42 2.29 -19.38
C SER A 166 6.96 0.87 -19.64
N ALA A 167 5.68 0.70 -19.88
CA ALA A 167 5.15 -0.62 -20.18
C ALA A 167 5.59 -1.10 -21.58
N HIS A 168 5.66 -0.17 -22.55
CA HIS A 168 6.16 -0.51 -23.89
C HIS A 168 7.62 -0.91 -23.79
N LEU A 169 8.39 -0.11 -23.08
CA LEU A 169 9.78 -0.42 -22.79
C LEU A 169 9.94 -1.78 -22.12
N ALA A 170 9.11 -2.04 -21.12
CA ALA A 170 9.14 -3.33 -20.43
C ALA A 170 8.86 -4.50 -21.39
N ALA A 171 7.99 -4.26 -22.37
CA ALA A 171 7.64 -5.24 -23.42
C ALA A 171 8.70 -5.33 -24.54
N GLY A 172 9.88 -4.73 -24.34
CA GLY A 172 10.95 -4.81 -25.30
C GLY A 172 10.91 -3.78 -26.42
N PHE A 173 10.02 -2.80 -26.35
CA PHE A 173 10.02 -1.75 -27.37
C PHE A 173 11.38 -1.07 -27.37
N PRO A 174 12.03 -0.94 -28.54
CA PRO A 174 13.41 -0.42 -28.61
C PRO A 174 13.57 0.98 -28.03
N LEU A 175 14.51 1.13 -27.11
CA LEU A 175 14.67 2.39 -26.40
C LEU A 175 15.00 3.55 -27.33
N SER A 176 15.77 3.30 -28.38
CA SER A 176 16.19 4.36 -29.31
C SER A 176 15.07 4.89 -30.23
N GLU A 177 13.96 4.17 -30.31
CA GLU A 177 12.82 4.58 -31.11
C GLU A 177 11.77 5.41 -30.34
N VAL A 178 11.98 5.71 -29.05
CA VAL A 178 10.98 6.45 -28.29
C VAL A 178 10.96 7.91 -28.69
N GLY A 179 12.11 8.39 -29.14
CA GLY A 179 12.21 9.74 -29.66
C GLY A 179 13.68 10.07 -29.84
N ARG A 180 13.97 11.36 -30.03
CA ARG A 180 15.32 11.77 -30.37
C ARG A 180 16.29 11.63 -29.19
N PRO A 181 17.59 11.49 -29.48
CA PRO A 181 18.57 11.46 -28.40
C PRO A 181 18.70 12.81 -27.71
N LEU A 182 19.09 12.79 -26.45
CA LEU A 182 19.23 14.02 -25.69
C LEU A 182 20.71 14.29 -25.38
N GLU A 183 21.14 15.52 -25.63
CA GLU A 183 22.44 15.96 -25.19
C GLU A 183 22.39 16.14 -23.68
N ASP A 184 23.50 15.84 -23.04
CA ASP A 184 23.59 15.88 -21.58
C ASP A 184 23.02 17.15 -20.96
N HIS A 185 23.26 18.30 -21.58
CA HIS A 185 22.79 19.57 -21.02
C HIS A 185 21.28 19.76 -21.16
N GLU A 186 20.64 18.95 -21.99
CA GLU A 186 19.19 19.01 -22.11
C GLU A 186 18.50 18.24 -20.99
N ILE A 187 19.27 17.47 -20.21
CA ILE A 187 18.73 16.73 -19.07
C ILE A 187 18.82 17.60 -17.83
N VAL A 188 17.66 18.02 -17.34
CA VAL A 188 17.56 18.93 -16.23
C VAL A 188 18.14 18.27 -14.99
N ARG A 189 18.89 19.07 -14.24
CA ARG A 189 19.50 18.66 -12.97
C ARG A 189 19.13 19.61 -11.84
N PHE A 190 19.11 19.09 -10.64
CA PHE A 190 19.05 19.96 -9.47
C PHE A 190 20.44 19.99 -8.83
N ASN A 191 20.71 21.06 -8.09
CA ASN A 191 22.00 21.20 -7.41
C ASN A 191 22.02 20.35 -6.17
N ARG A 192 22.98 19.44 -6.08
CA ARG A 192 23.19 18.70 -4.85
C ARG A 192 24.15 19.53 -4.00
N PRO A 193 23.74 19.89 -2.77
CA PRO A 193 24.63 20.68 -1.94
C PRO A 193 25.83 19.82 -1.51
N ALA A 194 27.04 20.33 -1.68
CA ALA A 194 28.23 19.59 -1.28
C ALA A 194 28.41 19.60 0.24
N VAL A 195 29.27 18.71 0.70
CA VAL A 195 29.63 18.58 2.10
C VAL A 195 30.91 19.39 2.28
N GLU A 196 30.90 20.31 3.22
CA GLU A 196 31.99 21.24 3.37
C GLU A 196 32.89 20.83 4.52
N GLN A 197 34.19 21.03 4.35
CA GLN A 197 35.12 20.86 5.47
C GLN A 197 35.26 22.19 6.20
N ASP A 198 35.55 22.13 7.49
CA ASP A 198 35.51 23.31 8.33
C ASP A 198 36.33 23.03 9.58
N GLY A 199 37.62 23.27 9.50
CA GLY A 199 38.56 22.77 10.51
C GLY A 199 38.62 21.27 10.33
N GLU A 200 38.60 20.53 11.43
CA GLU A 200 38.55 19.07 11.35
C GLU A 200 37.13 18.56 11.13
N ALA A 201 36.15 19.46 11.11
CA ALA A 201 34.74 19.11 10.99
C ALA A 201 34.27 18.93 9.52
N LEU A 202 33.19 18.16 9.36
CA LEU A 202 32.45 18.08 8.11
C LEU A 202 31.05 18.66 8.32
N VAL A 203 30.56 19.40 7.34
CA VAL A 203 29.28 20.10 7.47
C VAL A 203 28.38 19.79 6.29
N GLY A 204 27.19 19.31 6.60
CA GLY A 204 26.18 19.03 5.60
C GLY A 204 24.82 19.18 6.22
N VAL A 205 23.90 18.33 5.79
CA VAL A 205 22.50 18.44 6.18
C VAL A 205 21.88 17.09 6.53
N VAL A 206 20.75 17.16 7.22
CA VAL A 206 19.87 16.05 7.39
C VAL A 206 19.16 15.89 6.07
N SER A 207 19.41 14.77 5.38
CA SER A 207 18.80 14.53 4.08
C SER A 207 17.44 13.88 4.20
N ALA A 208 17.22 13.12 5.27
CA ALA A 208 15.94 12.43 5.43
C ALA A 208 15.74 11.96 6.85
N ILE A 209 14.47 11.92 7.22
CA ILE A 209 14.03 11.21 8.39
C ILE A 209 13.60 9.84 7.89
N ASP A 210 14.09 8.83 8.56
CA ASP A 210 13.83 7.46 8.19
C ASP A 210 12.55 6.98 8.83
N HIS A 211 11.44 7.15 8.11
CA HIS A 211 10.14 6.68 8.60
C HIS A 211 10.06 5.18 8.41
N PRO A 212 9.36 4.48 9.29
CA PRO A 212 8.59 4.97 10.44
C PRO A 212 9.37 5.02 11.75
N PHE A 213 10.69 4.84 11.70
CA PHE A 213 11.49 4.70 12.92
C PHE A 213 11.96 6.03 13.53
N GLY A 214 11.99 7.09 12.74
CA GLY A 214 12.48 8.37 13.25
C GLY A 214 13.99 8.43 13.44
N ASN A 215 14.71 7.60 12.68
CA ASN A 215 16.17 7.73 12.58
C ASN A 215 16.48 8.95 11.71
N VAL A 216 17.67 9.51 11.86
CA VAL A 216 18.06 10.70 11.10
C VAL A 216 19.21 10.37 10.15
N TRP A 217 19.01 10.63 8.86
CA TRP A 217 20.03 10.42 7.83
C TRP A 217 20.63 11.74 7.40
N THR A 218 21.95 11.77 7.26
CA THR A 218 22.62 12.96 6.77
C THR A 218 23.10 12.69 5.35
N ASN A 219 23.67 13.72 4.73
CA ASN A 219 24.25 13.60 3.42
C ASN A 219 25.75 13.41 3.51
N ILE A 220 26.26 13.12 4.69
CA ILE A 220 27.71 12.97 4.87
C ILE A 220 28.07 11.52 4.65
N HIS A 221 28.76 11.24 3.54
CA HIS A 221 29.01 9.87 3.12
C HIS A 221 30.21 9.31 3.85
N ARG A 222 30.29 8.00 3.90
CA ARG A 222 31.46 7.31 4.45
C ARG A 222 32.77 7.76 3.81
N THR A 223 32.75 7.95 2.49
CA THR A 223 33.93 8.46 1.79
C THR A 223 34.34 9.81 2.39
N ASP A 224 33.38 10.69 2.65
CA ASP A 224 33.67 11.97 3.32
C ASP A 224 34.29 11.74 4.69
N LEU A 225 33.85 10.69 5.37
CA LEU A 225 34.37 10.39 6.71
C LEU A 225 35.77 9.81 6.67
N GLU A 226 36.03 8.89 5.75
CA GLU A 226 37.35 8.24 5.71
C GLU A 226 38.41 9.27 5.36
N LYS A 227 38.11 10.16 4.42
CA LYS A 227 39.04 11.24 4.05
C LYS A 227 39.14 12.35 5.10
N ALA A 228 38.58 12.15 6.30
CA ALA A 228 38.89 13.02 7.45
C ALA A 228 39.37 12.22 8.67
N GLY A 229 39.70 10.94 8.45
CA GLY A 229 40.32 10.09 9.47
C GLY A 229 39.33 9.43 10.41
N ILE A 230 38.11 9.19 9.93
CA ILE A 230 37.03 8.74 10.79
C ILE A 230 36.51 7.36 10.33
N GLY A 231 36.68 6.37 11.19
CA GLY A 231 36.14 5.02 10.96
C GLY A 231 35.41 4.51 12.19
N TYR A 232 34.90 3.29 12.11
CA TYR A 232 34.14 2.71 13.22
C TYR A 232 34.98 2.74 14.49
N GLY A 233 34.35 3.14 15.60
CA GLY A 233 35.04 3.28 16.88
C GLY A 233 35.48 4.69 17.19
N ALA A 234 35.50 5.58 16.20
CA ALA A 234 35.79 6.99 16.42
C ALA A 234 34.70 7.64 17.29
N ARG A 235 35.11 8.36 18.35
CA ARG A 235 34.18 9.12 19.19
C ARG A 235 33.87 10.42 18.50
N LEU A 236 32.57 10.68 18.30
CA LEU A 236 32.12 11.73 17.41
C LEU A 236 31.22 12.71 18.10
N ARG A 237 31.26 13.96 17.65
CA ARG A 237 30.28 14.96 18.03
C ARG A 237 29.47 15.32 16.80
N LEU A 238 28.16 15.12 16.88
CA LEU A 238 27.29 15.36 15.75
C LEU A 238 26.24 16.36 16.16
N THR A 239 26.31 17.55 15.56
CA THR A 239 25.44 18.63 15.96
C THR A 239 24.40 18.84 14.89
N LEU A 240 23.12 18.72 15.24
CA LEU A 240 22.01 18.98 14.33
C LEU A 240 21.41 20.35 14.62
N ASP A 241 20.93 21.03 13.57
CA ASP A 241 20.19 22.28 13.74
C ASP A 241 21.02 23.36 14.41
N GLY A 242 22.34 23.30 14.26
CA GLY A 242 23.23 24.24 14.93
C GLY A 242 23.32 24.12 16.44
N VAL A 243 22.31 23.52 17.07
CA VAL A 243 22.18 23.57 18.53
C VAL A 243 22.15 22.24 19.31
N LEU A 244 21.71 21.14 18.67
CA LEU A 244 21.56 19.83 19.34
C LEU A 244 22.78 18.96 19.14
N PRO A 245 23.79 19.10 20.01
CA PRO A 245 24.95 18.29 19.79
C PRO A 245 24.57 16.87 20.27
N PHE A 246 25.28 15.87 19.75
CA PHE A 246 25.21 14.52 20.26
C PHE A 246 26.60 13.99 20.22
N GLU A 247 26.90 13.04 21.09
CA GLU A 247 28.21 12.41 21.15
C GLU A 247 28.06 10.91 21.31
N ALA A 248 28.79 10.17 20.49
CA ALA A 248 28.72 8.74 20.54
C ALA A 248 29.81 8.24 19.66
N PRO A 249 30.26 7.02 19.90
CA PRO A 249 31.17 6.42 18.99
C PRO A 249 30.41 6.02 17.71
N LEU A 250 31.06 6.07 16.57
CA LEU A 250 30.50 5.54 15.37
C LEU A 250 30.46 4.01 15.46
N THR A 251 29.26 3.44 15.40
CA THR A 251 29.05 2.01 15.47
C THR A 251 28.34 1.46 14.22
N PRO A 252 28.35 0.13 14.05
CA PRO A 252 27.75 -0.44 12.84
C PRO A 252 26.23 -0.42 12.85
N THR A 253 25.65 -0.53 14.04
CA THR A 253 24.22 -0.72 14.16
C THR A 253 23.62 -0.10 15.43
N PHE A 254 22.30 -0.17 15.51
CA PHE A 254 21.51 0.49 16.56
C PHE A 254 21.72 -0.12 17.93
N ALA A 255 21.73 -1.46 17.98
CA ALA A 255 21.86 -2.21 19.24
C ALA A 255 23.22 -2.03 19.96
N ASP A 256 24.23 -1.54 19.26
CA ASP A 256 25.52 -1.28 19.91
C ASP A 256 25.44 -0.12 20.89
N ALA A 257 24.34 0.63 20.90
CA ALA A 257 24.21 1.79 21.77
C ALA A 257 24.08 1.44 23.24
N GLY A 258 23.88 0.16 23.55
CA GLY A 258 23.72 -0.28 24.94
C GLY A 258 22.24 -0.25 25.31
N GLU A 259 21.90 0.58 26.29
CA GLU A 259 20.51 0.61 26.79
C GLU A 259 19.52 1.10 25.74
N ILE A 260 18.27 0.65 25.88
CA ILE A 260 17.18 1.16 25.06
C ILE A 260 17.04 2.67 25.26
N GLY A 261 16.87 3.40 24.15
CA GLY A 261 16.79 4.85 24.19
C GLY A 261 18.11 5.57 23.92
N ASN A 262 19.22 4.87 24.05
CA ASN A 262 20.52 5.49 23.89
C ASN A 262 20.84 5.85 22.45
N ILE A 263 21.77 6.79 22.29
CA ILE A 263 22.13 7.33 20.99
C ILE A 263 23.12 6.45 20.26
N ALA A 264 22.77 6.07 19.03
CA ALA A 264 23.70 5.40 18.13
C ALA A 264 24.00 6.32 16.96
N ILE A 265 25.29 6.46 16.65
CA ILE A 265 25.72 7.10 15.40
C ILE A 265 26.32 6.01 14.52
N TYR A 266 25.79 5.86 13.32
CA TYR A 266 26.10 4.71 12.48
C TYR A 266 26.12 5.08 11.01
N LEU A 267 26.52 4.14 10.17
CA LEU A 267 26.40 4.30 8.73
C LEU A 267 25.16 3.58 8.28
N ASN A 268 24.30 4.26 7.55
CA ASN A 268 23.03 3.63 7.19
C ASN A 268 23.24 2.73 6.01
N SER A 269 22.17 2.10 5.56
CA SER A 269 22.24 1.10 4.49
C SER A 269 22.56 1.68 3.12
N ARG A 270 22.79 2.98 3.03
CA ARG A 270 23.29 3.59 1.81
C ARG A 270 24.70 4.11 1.98
N GLY A 271 25.29 3.91 3.16
CA GLY A 271 26.62 4.44 3.45
C GLY A 271 26.72 5.85 4.01
N TYR A 272 25.60 6.45 4.41
CA TYR A 272 25.64 7.82 4.93
C TYR A 272 25.59 7.89 6.45
N LEU A 273 26.23 8.92 7.00
CA LEU A 273 26.28 9.09 8.44
C LEU A 273 24.86 9.30 8.95
N SER A 274 24.51 8.57 10.01
CA SER A 274 23.16 8.61 10.53
C SER A 274 23.18 8.57 12.04
N ILE A 275 22.06 8.94 12.62
CA ILE A 275 21.93 8.93 14.04
C ILE A 275 20.54 8.47 14.44
N ALA A 276 20.47 7.71 15.54
CA ALA A 276 19.21 7.17 16.02
C ALA A 276 19.21 6.95 17.54
N ARG A 277 18.06 6.56 18.07
CA ARG A 277 18.03 6.00 19.38
C ARG A 277 17.82 4.53 19.23
N ASN A 278 18.45 3.78 20.11
CA ASN A 278 18.28 2.35 20.20
C ASN A 278 16.82 2.01 20.59
N ALA A 279 16.07 1.41 19.65
CA ALA A 279 14.70 0.96 19.89
C ALA A 279 13.76 2.08 20.34
N ALA A 280 14.03 3.30 19.89
CA ALA A 280 13.16 4.42 20.15
C ALA A 280 13.35 5.41 19.02
N SER A 281 12.38 6.28 18.84
CA SER A 281 12.45 7.26 17.77
C SER A 281 13.22 8.49 18.21
N LEU A 282 14.17 8.91 17.40
CA LEU A 282 14.95 10.10 17.69
C LEU A 282 14.26 11.36 17.19
N ALA A 283 13.80 11.30 15.95
CA ALA A 283 13.36 12.50 15.24
C ALA A 283 11.99 13.01 15.64
N TYR A 284 11.09 12.11 16.00
CA TYR A 284 9.69 12.52 16.20
C TYR A 284 9.48 13.33 17.49
N PRO A 285 9.93 12.80 18.65
CA PRO A 285 9.83 13.61 19.88
C PRO A 285 10.47 15.00 19.80
N TYR A 286 11.46 15.19 18.92
CA TYR A 286 12.18 16.44 18.84
C TYR A 286 11.92 17.17 17.54
N HIS A 287 10.89 16.71 16.82
CA HIS A 287 10.49 17.36 15.55
C HIS A 287 11.70 17.71 14.66
N LEU A 288 12.66 16.80 14.52
CA LEU A 288 13.76 17.01 13.58
C LEU A 288 13.23 16.88 12.13
N LYS A 289 13.85 17.59 11.20
CA LYS A 289 13.34 17.66 9.82
C LYS A 289 14.43 17.56 8.76
N GLU A 290 14.07 16.95 7.63
CA GLU A 290 14.84 17.07 6.41
C GLU A 290 15.17 18.56 6.23
N GLY A 291 16.44 18.87 5.99
CA GLY A 291 16.87 20.25 5.76
C GLY A 291 17.75 20.85 6.84
N MET A 292 17.61 20.37 8.07
CA MET A 292 18.38 20.93 9.20
C MET A 292 19.86 20.68 9.02
N SER A 293 20.69 21.56 9.56
CA SER A 293 22.11 21.43 9.45
C SER A 293 22.58 20.18 10.20
N ALA A 294 23.77 19.71 9.86
CA ALA A 294 24.35 18.54 10.45
C ALA A 294 25.86 18.69 10.35
N ARG A 295 26.52 18.76 11.49
CA ARG A 295 27.95 18.97 11.57
C ARG A 295 28.54 17.83 12.37
N VAL A 296 29.63 17.26 11.89
CA VAL A 296 30.25 16.14 12.58
C VAL A 296 31.74 16.41 12.74
N GLU A 297 32.30 16.01 13.87
CA GLU A 297 33.75 16.09 14.13
C GLU A 297 34.16 15.09 15.20
N ALA A 298 35.44 14.76 15.23
CA ALA A 298 36.03 13.96 16.31
C ALA A 298 36.65 14.88 17.36
N ARG B 8 2.41 -22.60 -8.23
CA ARG B 8 3.28 -21.40 -8.47
C ARG B 8 3.54 -20.67 -7.12
N PRO B 9 4.82 -20.36 -6.85
CA PRO B 9 5.21 -20.13 -5.45
C PRO B 9 4.87 -18.76 -4.92
N ILE B 10 4.58 -18.68 -3.62
CA ILE B 10 4.08 -17.44 -3.05
C ILE B 10 4.84 -17.09 -1.78
N ILE B 11 5.16 -15.81 -1.65
CA ILE B 11 5.67 -15.28 -0.38
C ILE B 11 4.72 -14.21 0.15
N ALA B 12 4.21 -14.42 1.35
CA ALA B 12 3.42 -13.41 2.01
C ALA B 12 4.35 -12.67 2.94
N PHE B 13 4.39 -11.34 2.79
CA PHE B 13 5.42 -10.52 3.40
C PHE B 13 4.82 -9.51 4.39
N MET B 14 5.33 -9.51 5.62
CA MET B 14 4.81 -8.65 6.70
C MET B 14 6.02 -8.02 7.34
N SER B 15 6.06 -6.70 7.40
CA SER B 15 7.19 -6.04 8.06
C SER B 15 6.77 -4.81 8.85
N ASP B 16 7.77 -4.18 9.45
CA ASP B 16 7.59 -2.94 10.17
C ASP B 16 8.30 -1.83 9.39
N LEU B 17 8.60 -2.12 8.12
CA LEU B 17 9.41 -1.22 7.29
C LEU B 17 8.67 -0.01 6.78
N GLY B 18 7.34 0.01 6.90
CA GLY B 18 6.57 1.13 6.42
C GLY B 18 6.37 1.11 4.91
N THR B 19 5.57 2.06 4.45
CA THR B 19 5.13 2.16 3.06
C THR B 19 5.55 3.51 2.48
N THR B 20 6.55 4.16 3.08
CA THR B 20 6.88 5.53 2.68
C THR B 20 8.23 5.69 1.98
N ASP B 21 8.98 4.61 1.84
CA ASP B 21 10.24 4.69 1.11
C ASP B 21 10.46 3.42 0.27
N ASP B 22 11.70 3.18 -0.14
CA ASP B 22 12.03 2.06 -1.01
C ASP B 22 12.36 0.78 -0.29
N SER B 23 12.24 0.75 1.04
CA SER B 23 12.70 -0.40 1.83
C SER B 23 12.10 -1.72 1.40
N VAL B 24 10.78 -1.75 1.35
CA VAL B 24 10.04 -2.95 1.01
C VAL B 24 10.35 -3.37 -0.43
N ALA B 25 10.50 -2.40 -1.32
CA ALA B 25 10.74 -2.69 -2.74
C ALA B 25 12.09 -3.37 -2.94
N GLN B 26 13.08 -2.99 -2.14
CA GLN B 26 14.41 -3.61 -2.20
C GLN B 26 14.33 -5.10 -1.89
N CYS B 27 13.60 -5.42 -0.83
CA CYS B 27 13.30 -6.80 -0.51
C CYS B 27 12.63 -7.49 -1.67
N LYS B 28 11.65 -6.82 -2.29
CA LYS B 28 10.90 -7.45 -3.35
C LYS B 28 11.79 -7.70 -4.56
N GLY B 29 12.56 -6.70 -4.96
CA GLY B 29 13.49 -6.82 -6.07
C GLY B 29 14.33 -8.07 -5.93
N LEU B 30 14.88 -8.25 -4.74
CA LEU B 30 15.64 -9.41 -4.41
C LEU B 30 14.83 -10.68 -4.49
N MET B 31 13.58 -10.64 -4.05
CA MET B 31 12.73 -11.82 -4.10
C MET B 31 12.51 -12.29 -5.55
N TYR B 32 12.34 -11.35 -6.47
CA TYR B 32 12.11 -11.69 -7.86
C TYR B 32 13.45 -12.06 -8.51
N SER B 33 14.54 -11.57 -7.97
CA SER B 33 15.86 -11.95 -8.43
C SER B 33 16.11 -13.43 -8.11
N ILE B 34 15.70 -13.88 -6.93
CA ILE B 34 16.03 -15.22 -6.46
C ILE B 34 15.03 -16.25 -6.97
N CYS B 35 13.83 -15.78 -7.28
CA CYS B 35 12.74 -16.67 -7.65
C CYS B 35 11.80 -15.91 -8.57
N PRO B 36 12.11 -15.88 -9.89
CA PRO B 36 11.41 -14.97 -10.82
C PRO B 36 9.91 -15.21 -10.99
N ASP B 37 9.45 -16.45 -10.76
CA ASP B 37 8.03 -16.77 -10.91
C ASP B 37 7.23 -16.63 -9.60
N VAL B 38 7.86 -16.12 -8.56
CA VAL B 38 7.20 -15.93 -7.28
C VAL B 38 6.14 -14.84 -7.38
N THR B 39 5.10 -15.00 -6.58
CA THR B 39 4.15 -13.93 -6.33
C THR B 39 4.36 -13.44 -4.91
N VAL B 40 4.57 -12.14 -4.77
CA VAL B 40 4.75 -11.55 -3.44
C VAL B 40 3.46 -10.89 -3.04
N VAL B 41 2.95 -11.25 -1.88
CA VAL B 41 1.75 -10.68 -1.36
C VAL B 41 2.09 -9.93 -0.08
N ASP B 42 1.76 -8.65 -0.06
CA ASP B 42 1.93 -7.83 1.10
C ASP B 42 0.87 -8.16 2.14
N VAL B 43 1.33 -8.46 3.33
CA VAL B 43 0.40 -8.63 4.41
C VAL B 43 0.16 -7.22 4.88
N CYS B 44 1.08 -6.67 5.63
CA CYS B 44 1.09 -5.24 5.90
C CYS B 44 2.47 -4.85 6.33
N HIS B 45 2.77 -3.56 6.19
CA HIS B 45 4.08 -3.01 6.52
C HIS B 45 4.00 -1.88 7.54
N SER B 46 2.86 -1.80 8.22
CA SER B 46 2.48 -0.66 9.06
C SER B 46 2.56 -0.90 10.55
N MET B 47 2.99 -2.07 10.97
CA MET B 47 2.98 -2.37 12.39
C MET B 47 3.84 -1.38 13.17
N THR B 48 3.49 -1.21 14.45
CA THR B 48 4.28 -0.40 15.35
C THR B 48 5.65 -1.06 15.43
N PRO B 49 6.70 -0.30 15.13
CA PRO B 49 8.04 -0.90 15.13
C PRO B 49 8.34 -1.55 16.47
N TRP B 50 8.92 -2.75 16.40
CA TRP B 50 9.49 -3.47 17.56
C TRP B 50 8.46 -4.15 18.46
N ASP B 51 7.17 -3.97 18.15
CA ASP B 51 6.10 -4.57 18.93
C ASP B 51 5.79 -5.95 18.37
N VAL B 52 6.48 -6.95 18.90
CA VAL B 52 6.34 -8.31 18.39
C VAL B 52 4.95 -8.86 18.63
N GLU B 53 4.31 -8.45 19.72
CA GLU B 53 2.93 -8.90 20.01
C GLU B 53 1.98 -8.44 18.91
N GLU B 54 2.11 -7.21 18.44
CA GLU B 54 1.25 -6.70 17.38
C GLU B 54 1.51 -7.42 16.05
N GLY B 55 2.79 -7.62 15.70
CA GLY B 55 3.14 -8.41 14.52
C GLY B 55 2.57 -9.82 14.59
N ALA B 56 2.68 -10.44 15.77
CA ALA B 56 2.15 -11.79 15.97
C ALA B 56 0.72 -11.88 15.51
N ARG B 57 -0.10 -10.91 15.91
CA ARG B 57 -1.54 -10.94 15.58
C ARG B 57 -1.79 -10.94 14.06
N TYR B 58 -1.00 -10.17 13.32
CA TYR B 58 -1.21 -10.03 11.88
C TYR B 58 -0.82 -11.27 11.08
N ILE B 59 -0.10 -12.21 11.69
CA ILE B 59 0.41 -13.35 10.91
C ILE B 59 -0.13 -14.67 11.36
N VAL B 60 -0.70 -14.71 12.56
CA VAL B 60 -1.14 -15.98 13.11
C VAL B 60 -2.27 -16.67 12.33
N ASP B 61 -3.13 -15.89 11.67
CA ASP B 61 -4.31 -16.49 11.01
C ASP B 61 -4.15 -16.67 9.49
N LEU B 62 -2.97 -16.42 8.94
CA LEU B 62 -2.79 -16.45 7.52
C LEU B 62 -2.89 -17.83 6.84
N PRO B 63 -2.37 -18.87 7.48
CA PRO B 63 -2.12 -20.06 6.64
C PRO B 63 -3.32 -20.64 5.92
N ARG B 64 -4.48 -20.66 6.57
CA ARG B 64 -5.62 -21.32 5.94
C ARG B 64 -6.10 -20.62 4.67
N PHE B 65 -5.77 -19.33 4.53
CA PHE B 65 -6.20 -18.53 3.39
C PHE B 65 -5.32 -18.72 2.18
N PHE B 66 -4.11 -19.22 2.39
CA PHE B 66 -3.13 -19.28 1.31
C PHE B 66 -2.98 -20.69 0.76
N PRO B 67 -2.55 -20.80 -0.52
CA PRO B 67 -2.23 -22.10 -1.13
C PRO B 67 -1.09 -22.79 -0.40
N GLU B 68 -1.14 -24.10 -0.35
CA GLU B 68 -0.11 -24.90 0.31
C GLU B 68 1.24 -24.57 -0.35
N GLY B 69 2.29 -24.54 0.45
CA GLY B 69 3.63 -24.23 -0.04
C GLY B 69 4.02 -22.78 0.16
N THR B 70 3.06 -21.97 0.60
CA THR B 70 3.28 -20.54 0.79
C THR B 70 4.28 -20.30 1.92
N VAL B 71 5.20 -19.38 1.67
CA VAL B 71 6.17 -18.97 2.67
C VAL B 71 5.79 -17.62 3.27
N PHE B 72 5.75 -17.53 4.58
CA PHE B 72 5.46 -16.30 5.28
C PHE B 72 6.74 -15.72 5.78
N ALA B 73 7.12 -14.58 5.20
CA ALA B 73 8.28 -13.86 5.63
C ALA B 73 7.78 -12.73 6.51
N THR B 74 8.19 -12.75 7.76
CA THR B 74 7.54 -11.93 8.77
C THR B 74 8.59 -11.32 9.64
N THR B 75 8.61 -9.99 9.74
CA THR B 75 9.70 -9.37 10.47
C THR B 75 9.49 -7.97 11.07
N THR B 76 9.73 -7.89 12.35
CA THR B 76 10.30 -6.69 12.93
C THR B 76 11.61 -7.12 13.56
N TYR B 77 12.69 -6.40 13.26
CA TYR B 77 14.02 -6.90 13.55
C TYR B 77 14.86 -5.92 14.41
N PRO B 78 14.40 -5.60 15.61
CA PRO B 78 15.14 -4.68 16.47
C PRO B 78 16.60 -5.09 16.77
N ALA B 79 16.87 -6.39 16.69
CA ALA B 79 18.21 -6.91 16.90
C ALA B 79 19.04 -6.99 15.60
N THR B 80 18.64 -6.25 14.57
CA THR B 80 19.41 -6.20 13.31
C THR B 80 20.88 -5.83 13.59
N GLY B 81 21.78 -6.44 12.85
CA GLY B 81 23.22 -6.17 12.99
C GLY B 81 23.96 -6.90 14.12
N THR B 82 23.22 -7.63 14.96
CA THR B 82 23.84 -8.38 16.05
C THR B 82 24.11 -9.81 15.56
N THR B 83 24.54 -10.68 16.47
CA THR B 83 24.87 -12.08 16.13
C THR B 83 23.64 -12.99 16.01
N THR B 84 22.44 -12.46 16.29
CA THR B 84 21.23 -13.26 16.19
C THR B 84 20.99 -13.72 14.76
N ARG B 85 20.29 -14.82 14.63
CA ARG B 85 19.94 -15.32 13.33
C ARG B 85 18.47 -15.68 13.30
N SER B 86 17.86 -15.58 12.14
CA SER B 86 16.46 -15.89 12.02
C SER B 86 16.22 -17.38 12.25
N VAL B 87 14.96 -17.69 12.45
CA VAL B 87 14.49 -19.04 12.54
C VAL B 87 13.50 -19.28 11.40
N ALA B 88 13.57 -20.45 10.79
CA ALA B 88 12.60 -20.86 9.76
C ALA B 88 11.90 -22.11 10.24
N VAL B 89 10.58 -22.10 10.17
CA VAL B 89 9.76 -23.11 10.81
C VAL B 89 8.72 -23.63 9.83
N ARG B 90 8.56 -24.95 9.81
CA ARG B 90 7.48 -25.57 9.08
C ARG B 90 6.42 -25.90 10.09
N ILE B 91 5.27 -25.26 9.96
CA ILE B 91 4.21 -25.43 10.95
C ILE B 91 3.48 -26.73 10.69
N LYS B 92 2.69 -27.17 11.68
CA LYS B 92 2.03 -28.47 11.60
C LYS B 92 0.64 -28.37 10.99
N GLN B 93 -0.32 -27.84 11.75
CA GLN B 93 -1.70 -27.66 11.27
C GLN B 93 -1.89 -26.24 10.79
N ALA B 94 -2.55 -26.07 9.66
CA ALA B 94 -3.05 -24.77 9.23
C ALA B 94 -4.18 -24.30 10.14
N ALA B 95 -4.81 -25.25 10.84
CA ALA B 95 -5.81 -24.98 11.90
C ALA B 95 -7.09 -24.43 11.33
N LYS B 96 -8.15 -24.57 12.11
CA LYS B 96 -9.42 -23.94 11.80
C LYS B 96 -9.42 -22.60 12.52
N GLY B 97 -10.23 -21.66 12.04
CA GLY B 97 -10.34 -20.36 12.67
C GLY B 97 -11.70 -19.73 12.44
N GLY B 98 -11.83 -18.47 12.85
CA GLY B 98 -13.08 -17.73 12.70
C GLY B 98 -14.02 -17.90 13.88
N ALA B 99 -15.19 -17.26 13.78
CA ALA B 99 -16.20 -17.24 14.86
C ALA B 99 -16.77 -18.62 15.24
N ARG B 100 -16.69 -19.59 14.31
CA ARG B 100 -17.21 -20.95 14.53
C ARG B 100 -16.12 -22.03 14.61
N GLY B 101 -15.11 -21.94 13.75
CA GLY B 101 -14.08 -22.98 13.62
C GLY B 101 -14.31 -23.75 12.33
N GLN B 102 -13.67 -23.31 11.26
CA GLN B 102 -13.91 -23.84 9.93
C GLN B 102 -12.67 -23.63 9.04
N TRP B 103 -12.65 -24.27 7.88
CA TRP B 103 -11.75 -23.87 6.81
C TRP B 103 -12.31 -22.66 6.07
N ALA B 104 -11.46 -21.99 5.30
CA ALA B 104 -11.83 -20.78 4.56
C ALA B 104 -12.04 -21.14 3.12
N GLY B 105 -12.88 -20.37 2.44
CA GLY B 105 -13.12 -20.58 1.03
C GLY B 105 -14.57 -20.87 0.75
N SER B 106 -14.87 -21.04 -0.52
CA SER B 106 -16.22 -21.35 -0.97
C SER B 106 -16.59 -22.77 -0.55
N GLY B 107 -17.87 -23.06 -0.62
CA GLY B 107 -18.37 -24.36 -0.19
C GLY B 107 -18.12 -24.57 1.28
N ALA B 108 -17.58 -25.74 1.61
CA ALA B 108 -17.25 -26.09 3.00
C ALA B 108 -15.82 -25.68 3.33
N GLY B 109 -15.15 -25.01 2.39
CA GLY B 109 -13.81 -24.52 2.61
C GLY B 109 -12.79 -25.35 1.91
N PHE B 110 -11.56 -24.85 1.86
CA PHE B 110 -10.46 -25.58 1.28
C PHE B 110 -9.67 -26.07 2.46
N GLU B 111 -9.63 -27.39 2.66
CA GLU B 111 -8.83 -27.92 3.74
C GLU B 111 -7.39 -28.07 3.26
N ARG B 112 -6.47 -27.91 4.21
CA ARG B 112 -5.07 -27.77 3.89
C ARG B 112 -4.32 -28.91 4.56
N ALA B 113 -3.41 -29.52 3.82
CA ALA B 113 -2.57 -30.59 4.33
C ALA B 113 -1.68 -30.07 5.49
N GLU B 114 -1.30 -30.97 6.39
CA GLU B 114 -0.33 -30.63 7.44
C GLU B 114 1.03 -30.34 6.81
N GLY B 115 1.85 -29.59 7.54
CA GLY B 115 3.21 -29.23 7.07
C GLY B 115 3.33 -28.50 5.74
N SER B 116 2.33 -27.72 5.38
CA SER B 116 2.29 -27.10 4.05
C SER B 116 2.75 -25.63 4.02
N TYR B 117 3.25 -25.13 5.14
CA TYR B 117 3.55 -23.71 5.26
C TYR B 117 4.83 -23.50 6.05
N ILE B 118 5.63 -22.53 5.62
CA ILE B 118 6.85 -22.18 6.30
C ILE B 118 6.81 -20.72 6.72
N TYR B 119 7.18 -20.47 7.95
CA TYR B 119 7.34 -19.11 8.42
C TYR B 119 8.82 -18.87 8.56
N ILE B 120 9.26 -17.68 8.24
CA ILE B 120 10.62 -17.32 8.52
C ILE B 120 10.65 -15.95 9.17
N ALA B 121 11.39 -15.82 10.28
CA ALA B 121 11.24 -14.68 11.17
C ALA B 121 12.39 -14.54 12.09
N PRO B 122 12.66 -13.32 12.53
CA PRO B 122 13.61 -13.15 13.58
C PRO B 122 13.21 -14.04 14.73
N ASN B 123 14.19 -14.54 15.44
CA ASN B 123 13.94 -15.35 16.57
C ASN B 123 13.88 -14.41 17.76
N ASN B 124 12.79 -13.66 17.84
CA ASN B 124 12.58 -12.66 18.91
C ASN B 124 11.20 -12.72 19.53
N GLY B 125 10.47 -13.80 19.27
CA GLY B 125 9.16 -13.98 19.86
C GLY B 125 8.04 -13.83 18.87
N LEU B 126 8.37 -13.35 17.68
CA LEU B 126 7.33 -12.99 16.71
C LEU B 126 6.43 -14.15 16.32
N LEU B 127 6.93 -15.38 16.42
CA LEU B 127 6.14 -16.57 16.04
C LEU B 127 5.49 -17.26 17.22
N THR B 128 5.54 -16.64 18.39
CA THR B 128 4.97 -17.27 19.58
C THR B 128 3.59 -17.85 19.36
N THR B 129 2.67 -17.04 18.86
CA THR B 129 1.29 -17.49 18.73
C THR B 129 1.10 -18.40 17.53
N VAL B 130 1.94 -18.23 16.52
CA VAL B 130 1.93 -19.13 15.37
C VAL B 130 2.20 -20.57 15.82
N LEU B 131 3.19 -20.75 16.68
CA LEU B 131 3.55 -22.05 17.19
C LEU B 131 2.47 -22.61 18.11
N GLU B 132 1.94 -21.77 19.00
CA GLU B 132 0.80 -22.13 19.86
C GLU B 132 -0.38 -22.66 19.06
N GLU B 133 -0.82 -21.92 18.06
CA GLU B 133 -2.04 -22.29 17.37
C GLU B 133 -1.83 -23.35 16.29
N HIS B 134 -0.63 -23.42 15.73
CA HIS B 134 -0.39 -24.29 14.60
C HIS B 134 0.54 -25.45 14.91
N GLY B 135 1.33 -25.35 15.98
CA GLY B 135 2.39 -26.33 16.24
C GLY B 135 3.44 -26.26 15.14
N TYR B 136 4.54 -27.00 15.27
CA TYR B 136 5.49 -27.11 14.16
C TYR B 136 6.13 -28.48 14.03
N LEU B 137 6.55 -28.82 12.82
CA LEU B 137 7.26 -30.07 12.56
C LEU B 137 8.76 -29.96 12.68
N GLU B 138 9.33 -28.86 12.19
CA GLU B 138 10.77 -28.68 12.20
C GLU B 138 11.10 -27.19 12.30
N ALA B 139 12.28 -26.87 12.83
CA ALA B 139 12.66 -25.50 13.04
C ALA B 139 14.18 -25.37 12.94
N TYR B 140 14.64 -24.38 12.19
CA TYR B 140 16.06 -24.19 11.94
C TYR B 140 16.51 -22.76 12.14
N GLU B 141 17.77 -22.62 12.55
CA GLU B 141 18.48 -21.37 12.54
C GLU B 141 18.91 -21.15 11.10
N VAL B 142 18.71 -19.95 10.58
CA VAL B 142 19.01 -19.64 9.20
C VAL B 142 20.43 -19.06 9.13
N THR B 143 21.41 -19.87 8.73
CA THR B 143 22.83 -19.43 8.74
C THR B 143 23.60 -19.65 7.42
N SER B 144 23.09 -20.50 6.54
CA SER B 144 23.88 -20.86 5.38
C SER B 144 24.08 -19.66 4.46
N PRO B 145 25.33 -19.41 4.05
CA PRO B 145 25.56 -18.35 3.07
C PRO B 145 24.94 -18.63 1.70
N LYS B 146 24.37 -19.81 1.49
CA LYS B 146 23.60 -20.04 0.27
C LYS B 146 22.29 -19.25 0.29
N VAL B 147 21.76 -18.97 1.49
CA VAL B 147 20.48 -18.29 1.59
C VAL B 147 20.50 -16.94 2.32
N ILE B 148 21.62 -16.56 2.91
CA ILE B 148 21.79 -15.22 3.41
C ILE B 148 23.09 -14.63 2.91
N PRO B 149 23.26 -13.31 3.01
CA PRO B 149 24.51 -12.70 2.57
C PRO B 149 25.68 -13.00 3.50
N GLU B 150 26.87 -13.13 2.92
CA GLU B 150 28.08 -13.31 3.72
C GLU B 150 28.39 -12.02 4.48
N GLN B 151 27.99 -10.89 3.94
CA GLN B 151 28.15 -9.62 4.63
C GLN B 151 26.83 -8.89 4.75
N PRO B 152 26.04 -9.29 5.74
CA PRO B 152 24.72 -8.69 5.86
C PRO B 152 24.79 -7.23 6.29
N GLU B 153 24.03 -6.37 5.61
CA GLU B 153 23.87 -4.97 5.97
C GLU B 153 23.43 -4.82 7.44
N PRO B 154 24.27 -4.20 8.30
CA PRO B 154 23.97 -4.25 9.75
C PRO B 154 22.60 -3.67 10.17
N THR B 155 22.14 -2.62 9.51
CA THR B 155 20.85 -2.02 9.82
C THR B 155 19.71 -2.57 8.97
N PHE B 156 19.91 -3.64 8.18
CA PHE B 156 18.76 -4.18 7.44
C PHE B 156 18.58 -5.70 7.46
N TYR B 157 18.70 -6.33 8.62
CA TYR B 157 18.47 -7.79 8.71
C TYR B 157 17.08 -8.23 8.23
N SER B 158 16.10 -7.34 8.27
CA SER B 158 14.76 -7.66 7.71
C SER B 158 14.87 -8.07 6.25
N ARG B 159 15.77 -7.44 5.53
CA ARG B 159 16.02 -7.78 4.14
C ARG B 159 16.97 -8.96 4.06
N GLU B 160 18.04 -8.91 4.85
CA GLU B 160 19.16 -9.85 4.65
C GLU B 160 18.87 -11.20 5.27
N MET B 161 18.15 -11.24 6.40
CA MET B 161 17.96 -12.45 7.17
C MET B 161 16.54 -13.00 7.15
N VAL B 162 15.65 -12.35 6.42
CA VAL B 162 14.28 -12.83 6.32
C VAL B 162 13.83 -12.86 4.87
N ALA B 163 13.99 -11.75 4.17
CA ALA B 163 13.46 -11.62 2.83
C ALA B 163 14.23 -12.42 1.82
N ILE B 164 15.56 -12.33 1.90
CA ILE B 164 16.43 -13.04 0.99
C ILE B 164 16.20 -14.55 1.14
N PRO B 165 16.38 -15.09 2.35
CA PRO B 165 16.20 -16.53 2.52
C PRO B 165 14.79 -17.03 2.25
N SER B 166 13.78 -16.17 2.45
CA SER B 166 12.40 -16.60 2.19
C SER B 166 12.21 -16.87 0.69
N ALA B 167 12.93 -16.13 -0.12
CA ALA B 167 12.85 -16.32 -1.56
C ALA B 167 13.53 -17.60 -1.99
N HIS B 168 14.64 -17.98 -1.34
CA HIS B 168 15.29 -19.26 -1.61
C HIS B 168 14.36 -20.39 -1.21
N LEU B 169 13.81 -20.30 -0.02
CA LEU B 169 12.79 -21.25 0.43
C LEU B 169 11.63 -21.35 -0.53
N ALA B 170 11.12 -20.21 -0.98
CA ALA B 170 10.01 -20.21 -1.93
C ALA B 170 10.40 -20.91 -3.25
N ALA B 171 11.67 -20.80 -3.63
CA ALA B 171 12.24 -21.47 -4.82
C ALA B 171 12.58 -22.95 -4.55
N GLY B 172 12.12 -23.51 -3.44
CA GLY B 172 12.30 -24.91 -3.15
C GLY B 172 13.60 -25.27 -2.47
N PHE B 173 14.39 -24.28 -2.06
CA PHE B 173 15.62 -24.59 -1.34
C PHE B 173 15.24 -25.39 -0.09
N PRO B 174 15.90 -26.57 0.14
CA PRO B 174 15.51 -27.46 1.25
C PRO B 174 15.60 -26.80 2.62
N LEU B 175 14.50 -26.88 3.38
CA LEU B 175 14.42 -26.20 4.66
C LEU B 175 15.48 -26.67 5.63
N SER B 176 15.82 -27.95 5.60
CA SER B 176 16.78 -28.53 6.58
C SER B 176 18.25 -28.12 6.35
N GLU B 177 18.53 -27.52 5.18
CA GLU B 177 19.87 -27.06 4.84
C GLU B 177 20.14 -25.58 5.16
N VAL B 178 19.17 -24.87 5.72
CA VAL B 178 19.35 -23.43 5.98
C VAL B 178 20.27 -23.24 7.17
N GLY B 179 20.27 -24.21 8.07
CA GLY B 179 21.20 -24.20 9.19
C GLY B 179 20.76 -25.26 10.17
N ARG B 180 21.31 -25.22 11.38
CA ARG B 180 21.14 -26.31 12.32
C ARG B 180 19.73 -26.36 12.88
N PRO B 181 19.30 -27.54 13.36
CA PRO B 181 17.98 -27.61 13.98
C PRO B 181 17.95 -26.90 15.32
N LEU B 182 16.78 -26.41 15.69
CA LEU B 182 16.64 -25.68 16.95
C LEU B 182 15.81 -26.48 17.94
N GLU B 183 16.32 -26.60 19.16
CA GLU B 183 15.53 -27.16 20.24
C GLU B 183 14.47 -26.15 20.63
N ASP B 184 13.30 -26.65 21.02
CA ASP B 184 12.15 -25.84 21.33
C ASP B 184 12.47 -24.67 22.26
N HIS B 185 13.31 -24.89 23.25
CA HIS B 185 13.63 -23.83 24.20
C HIS B 185 14.54 -22.75 23.59
N GLU B 186 15.17 -23.03 22.45
CA GLU B 186 15.98 -22.03 21.77
C GLU B 186 15.12 -21.06 20.95
N ILE B 187 13.83 -21.37 20.80
CA ILE B 187 12.90 -20.48 20.11
C ILE B 187 12.26 -19.52 21.10
N VAL B 188 12.63 -18.25 21.01
CA VAL B 188 12.21 -17.24 21.95
C VAL B 188 10.70 -17.09 21.88
N ARG B 189 10.09 -16.94 23.06
CA ARG B 189 8.64 -16.75 23.23
C ARG B 189 8.34 -15.51 24.04
N PHE B 190 7.19 -14.91 23.80
CA PHE B 190 6.68 -13.91 24.73
C PHE B 190 5.55 -14.54 25.53
N ASN B 191 5.30 -14.00 26.73
CA ASN B 191 4.21 -14.48 27.59
C ASN B 191 2.89 -13.96 27.06
N ARG B 192 1.98 -14.88 26.75
CA ARG B 192 0.62 -14.47 26.45
C ARG B 192 -0.15 -14.44 27.79
N PRO B 193 -0.77 -13.30 28.11
CA PRO B 193 -1.51 -13.24 29.37
C PRO B 193 -2.77 -14.10 29.28
N ALA B 194 -3.01 -14.97 30.27
CA ALA B 194 -4.20 -15.81 30.27
C ALA B 194 -5.45 -14.99 30.63
N VAL B 195 -6.61 -15.59 30.38
CA VAL B 195 -7.89 -15.00 30.72
C VAL B 195 -8.28 -15.57 32.09
N GLU B 196 -8.61 -14.70 33.03
CA GLU B 196 -8.89 -15.13 34.40
C GLU B 196 -10.38 -15.18 34.67
N GLN B 197 -10.82 -16.16 35.46
CA GLN B 197 -12.19 -16.19 35.94
C GLN B 197 -12.25 -15.46 37.27
N ASP B 198 -13.38 -14.86 37.57
CA ASP B 198 -13.49 -13.97 38.72
C ASP B 198 -14.95 -13.85 39.08
N GLY B 199 -15.42 -14.77 39.91
CA GLY B 199 -16.85 -14.94 40.12
C GLY B 199 -17.42 -15.50 38.83
N GLU B 200 -18.57 -14.96 38.40
CA GLU B 200 -19.18 -15.42 37.15
C GLU B 200 -18.49 -14.76 35.94
N ALA B 201 -17.58 -13.82 36.21
CA ALA B 201 -16.94 -13.00 35.18
C ALA B 201 -15.67 -13.60 34.54
N LEU B 202 -15.36 -13.16 33.32
CA LEU B 202 -14.07 -13.43 32.67
C LEU B 202 -13.32 -12.13 32.52
N VAL B 203 -12.01 -12.17 32.75
CA VAL B 203 -11.19 -10.96 32.75
C VAL B 203 -9.99 -11.13 31.85
N GLY B 204 -9.87 -10.21 30.89
CA GLY B 204 -8.74 -10.17 30.00
C GLY B 204 -8.51 -8.75 29.57
N VAL B 205 -8.13 -8.59 28.31
CA VAL B 205 -7.65 -7.32 27.85
C VAL B 205 -8.13 -7.04 26.42
N VAL B 206 -8.11 -5.75 26.04
CA VAL B 206 -8.34 -5.32 24.68
C VAL B 206 -7.06 -5.65 23.95
N SER B 207 -7.12 -6.59 23.01
CA SER B 207 -5.93 -7.04 22.29
C SER B 207 -5.65 -6.16 21.10
N ALA B 208 -6.68 -5.54 20.53
CA ALA B 208 -6.48 -4.72 19.34
C ALA B 208 -7.65 -3.85 19.07
N ILE B 209 -7.35 -2.71 18.46
CA ILE B 209 -8.32 -1.87 17.86
C ILE B 209 -8.31 -2.25 16.38
N ASP B 210 -9.51 -2.50 15.85
CA ASP B 210 -9.69 -2.95 14.50
C ASP B 210 -9.77 -1.74 13.56
N HIS B 211 -8.62 -1.32 13.04
CA HIS B 211 -8.58 -0.21 12.09
C HIS B 211 -9.02 -0.71 10.73
N PRO B 212 -9.63 0.15 9.92
CA PRO B 212 -9.95 1.55 10.18
C PRO B 212 -11.29 1.80 10.86
N PHE B 213 -11.98 0.75 11.32
CA PHE B 213 -13.36 0.86 11.81
C PHE B 213 -13.47 1.27 13.30
N GLY B 214 -12.43 1.09 14.09
CA GLY B 214 -12.51 1.44 15.50
C GLY B 214 -13.35 0.46 16.34
N ASN B 215 -13.47 -0.77 15.84
CA ASN B 215 -14.03 -1.86 16.64
C ASN B 215 -13.01 -2.29 17.67
N VAL B 216 -13.46 -2.91 18.76
CA VAL B 216 -12.58 -3.28 19.82
C VAL B 216 -12.53 -4.80 19.99
N TRP B 217 -11.33 -5.38 19.91
CA TRP B 217 -11.13 -6.82 20.04
C TRP B 217 -10.52 -7.14 21.38
N THR B 218 -11.02 -8.19 22.02
CA THR B 218 -10.47 -8.62 23.27
C THR B 218 -9.71 -9.92 23.03
N ASN B 219 -9.10 -10.42 24.09
CA ASN B 219 -8.44 -11.72 24.03
C ASN B 219 -9.34 -12.80 24.59
N ILE B 220 -10.61 -12.53 24.77
CA ILE B 220 -11.49 -13.50 25.41
C ILE B 220 -12.13 -14.33 24.33
N HIS B 221 -11.74 -15.59 24.25
CA HIS B 221 -12.12 -16.44 23.13
C HIS B 221 -13.49 -17.01 23.34
N ARG B 222 -14.14 -17.44 22.26
CA ARG B 222 -15.41 -18.15 22.32
C ARG B 222 -15.36 -19.38 23.23
N THR B 223 -14.26 -20.13 23.18
CA THR B 223 -14.09 -21.27 24.09
C THR B 223 -14.18 -20.80 25.55
N ASP B 224 -13.53 -19.67 25.88
CA ASP B 224 -13.63 -19.11 27.23
C ASP B 224 -15.10 -18.78 27.56
N LEU B 225 -15.85 -18.33 26.57
CA LEU B 225 -17.24 -17.96 26.78
C LEU B 225 -18.16 -19.18 26.93
N GLU B 226 -17.96 -20.22 26.14
CA GLU B 226 -18.84 -21.39 26.23
C GLU B 226 -18.64 -22.10 27.56
N LYS B 227 -17.39 -22.20 28.02
CA LYS B 227 -17.12 -22.78 29.34
C LYS B 227 -17.51 -21.86 30.52
N ALA B 228 -18.24 -20.77 30.28
CA ALA B 228 -18.88 -20.01 31.36
C ALA B 228 -20.38 -19.82 31.09
N GLY B 229 -20.90 -20.58 30.12
CA GLY B 229 -22.34 -20.67 29.87
C GLY B 229 -22.87 -19.56 28.98
N ILE B 230 -22.01 -19.06 28.09
CA ILE B 230 -22.33 -17.86 27.32
C ILE B 230 -22.31 -18.16 25.82
N GLY B 231 -23.48 -18.04 25.19
CA GLY B 231 -23.62 -18.19 23.75
C GLY B 231 -24.40 -17.03 23.16
N TYR B 232 -24.60 -17.06 21.85
CA TYR B 232 -25.34 -16.01 21.19
C TYR B 232 -26.70 -15.82 21.85
N GLY B 233 -27.09 -14.56 22.05
CA GLY B 233 -28.33 -14.22 22.72
C GLY B 233 -28.18 -13.91 24.19
N ALA B 234 -27.05 -14.27 24.79
CA ALA B 234 -26.76 -13.95 26.18
C ALA B 234 -26.63 -12.45 26.35
N ARG B 235 -27.33 -11.90 27.33
CA ARG B 235 -27.20 -10.48 27.68
C ARG B 235 -25.95 -10.31 28.53
N LEU B 236 -25.08 -9.41 28.09
CA LEU B 236 -23.74 -9.32 28.63
C LEU B 236 -23.44 -7.93 29.17
N ARG B 237 -22.57 -7.90 30.18
CA ARG B 237 -21.96 -6.66 30.62
C ARG B 237 -20.47 -6.72 30.31
N LEU B 238 -19.99 -5.79 29.53
CA LEU B 238 -18.61 -5.78 29.13
C LEU B 238 -18.01 -4.49 29.54
N THR B 239 -17.09 -4.55 30.50
CA THR B 239 -16.52 -3.36 31.06
C THR B 239 -15.12 -3.20 30.53
N LEU B 240 -14.84 -2.07 29.85
CA LEU B 240 -13.48 -1.73 29.40
C LEU B 240 -12.85 -0.72 30.32
N ASP B 241 -11.53 -0.79 30.49
CA ASP B 241 -10.78 0.21 31.25
C ASP B 241 -11.24 0.32 32.69
N GLY B 242 -11.77 -0.76 33.24
CA GLY B 242 -12.32 -0.75 34.60
C GLY B 242 -13.58 0.07 34.80
N VAL B 243 -13.85 1.03 33.90
CA VAL B 243 -14.88 2.04 34.13
C VAL B 243 -16.02 2.17 33.11
N LEU B 244 -15.80 1.75 31.85
CA LEU B 244 -16.82 1.88 30.77
C LEU B 244 -17.65 0.62 30.57
N PRO B 245 -18.79 0.41 31.30
CA PRO B 245 -19.54 -0.89 31.37
C PRO B 245 -20.74 -1.27 30.42
N PHE B 246 -20.40 -1.60 29.19
CA PHE B 246 -21.39 -1.70 28.15
C PHE B 246 -22.27 -2.87 28.36
N GLU B 247 -23.49 -2.81 27.86
CA GLU B 247 -24.42 -3.91 27.96
C GLU B 247 -25.08 -4.14 26.63
N ALA B 248 -25.10 -5.39 26.21
CA ALA B 248 -25.74 -5.72 24.96
C ALA B 248 -25.82 -7.22 24.92
N PRO B 249 -26.76 -7.75 24.14
CA PRO B 249 -26.74 -9.18 23.90
C PRO B 249 -25.56 -9.52 22.98
N LEU B 250 -24.99 -10.70 23.14
CA LEU B 250 -24.01 -11.22 22.20
C LEU B 250 -24.69 -11.59 20.88
N THR B 251 -24.30 -10.92 19.79
CA THR B 251 -24.88 -11.15 18.48
C THR B 251 -23.83 -11.58 17.47
N PRO B 252 -24.26 -12.12 16.33
CA PRO B 252 -23.31 -12.56 15.31
C PRO B 252 -22.60 -11.43 14.59
N THR B 253 -23.29 -10.31 14.41
CA THR B 253 -22.75 -9.23 13.59
C THR B 253 -23.15 -7.84 14.07
N PHE B 254 -22.62 -6.83 13.37
CA PHE B 254 -22.77 -5.42 13.73
C PHE B 254 -24.19 -4.92 13.56
N ALA B 255 -24.81 -5.28 12.43
CA ALA B 255 -26.14 -4.79 12.05
C ALA B 255 -27.26 -5.27 12.99
N ASP B 256 -26.99 -6.32 13.76
CA ASP B 256 -27.99 -6.76 14.74
C ASP B 256 -28.20 -5.76 15.87
N ALA B 257 -27.38 -4.72 15.96
CA ALA B 257 -27.49 -3.74 17.04
C ALA B 257 -28.71 -2.83 16.91
N GLY B 258 -29.39 -2.88 15.77
CA GLY B 258 -30.57 -2.04 15.57
C GLY B 258 -30.12 -0.74 14.93
N GLU B 259 -30.35 0.39 15.62
CA GLU B 259 -30.04 1.69 15.05
C GLU B 259 -28.55 1.92 14.81
N ILE B 260 -28.24 2.78 13.84
CA ILE B 260 -26.86 3.25 13.61
C ILE B 260 -26.32 3.93 14.86
N GLY B 261 -25.08 3.58 15.22
CA GLY B 261 -24.45 4.09 16.44
C GLY B 261 -24.59 3.18 17.65
N ASN B 262 -25.54 2.26 17.61
CA ASN B 262 -25.75 1.37 18.76
C ASN B 262 -24.63 0.35 18.98
N ILE B 263 -24.55 -0.16 20.19
CA ILE B 263 -23.52 -1.07 20.60
C ILE B 263 -23.82 -2.50 20.21
N ALA B 264 -22.86 -3.13 19.51
CA ALA B 264 -22.92 -4.56 19.26
C ALA B 264 -21.80 -5.23 19.99
N ILE B 265 -22.11 -6.34 20.68
CA ILE B 265 -21.10 -7.24 21.20
C ILE B 265 -21.17 -8.54 20.40
N TYR B 266 -20.06 -8.95 19.82
CA TYR B 266 -20.05 -10.02 18.85
C TYR B 266 -18.76 -10.82 18.89
N LEU B 267 -18.72 -11.92 18.15
CA LEU B 267 -17.50 -12.68 17.99
C LEU B 267 -16.88 -12.29 16.69
N ASN B 268 -15.60 -11.92 16.73
CA ASN B 268 -14.98 -11.42 15.54
C ASN B 268 -14.57 -12.56 14.66
N SER B 269 -13.95 -12.25 13.53
CA SER B 269 -13.60 -13.26 12.52
C SER B 269 -12.45 -14.18 12.95
N ARG B 270 -11.95 -14.02 14.16
CA ARG B 270 -10.96 -14.93 14.72
C ARG B 270 -11.57 -15.68 15.90
N GLY B 271 -12.84 -15.44 16.21
CA GLY B 271 -13.51 -16.09 17.34
C GLY B 271 -13.42 -15.38 18.70
N TYR B 272 -12.92 -14.14 18.73
CA TYR B 272 -12.74 -13.46 20.00
C TYR B 272 -13.86 -12.47 20.30
N LEU B 273 -14.14 -12.28 21.59
CA LEU B 273 -15.18 -11.36 22.01
C LEU B 273 -14.80 -9.93 21.58
N SER B 274 -15.74 -9.23 20.99
CA SER B 274 -15.48 -7.93 20.45
C SER B 274 -16.64 -7.03 20.66
N ILE B 275 -16.38 -5.74 20.53
CA ILE B 275 -17.43 -4.75 20.71
C ILE B 275 -17.25 -3.63 19.71
N ALA B 276 -18.37 -3.11 19.22
CA ALA B 276 -18.37 -2.08 18.22
C ALA B 276 -19.63 -1.21 18.30
N ARG B 277 -19.65 -0.15 17.50
CA ARG B 277 -20.89 0.53 17.24
C ARG B 277 -21.30 0.16 15.83
N ASN B 278 -22.61 0.04 15.65
CA ASN B 278 -23.20 -0.20 14.37
C ASN B 278 -22.89 0.99 13.46
N ALA B 279 -22.09 0.76 12.42
CA ALA B 279 -21.79 1.77 11.39
C ALA B 279 -21.20 3.07 11.94
N ALA B 280 -20.45 2.94 13.03
CA ALA B 280 -19.75 4.06 13.59
C ALA B 280 -18.58 3.51 14.35
N SER B 281 -17.62 4.36 14.62
CA SER B 281 -16.41 3.95 15.29
C SER B 281 -16.58 4.03 16.80
N LEU B 282 -16.22 2.96 17.49
CA LEU B 282 -16.35 2.92 18.94
C LEU B 282 -15.10 3.47 19.61
N ALA B 283 -13.95 3.01 19.13
CA ALA B 283 -12.69 3.25 19.79
C ALA B 283 -12.11 4.65 19.63
N TYR B 284 -12.34 5.28 18.48
CA TYR B 284 -11.63 6.54 18.18
C TYR B 284 -12.17 7.72 18.98
N PRO B 285 -13.49 7.95 18.96
CA PRO B 285 -14.04 9.03 19.80
C PRO B 285 -13.70 8.94 21.28
N TYR B 286 -13.44 7.72 21.77
CA TYR B 286 -13.19 7.51 23.19
C TYR B 286 -11.75 7.10 23.46
N HIS B 287 -10.88 7.25 22.46
CA HIS B 287 -9.47 6.95 22.60
C HIS B 287 -9.23 5.62 23.34
N LEU B 288 -9.97 4.57 22.98
CA LEU B 288 -9.70 3.24 23.56
C LEU B 288 -8.41 2.69 22.94
N LYS B 289 -7.69 1.86 23.70
CA LYS B 289 -6.37 1.41 23.29
C LYS B 289 -6.14 -0.07 23.58
N GLU B 290 -5.35 -0.69 22.69
CA GLU B 290 -4.73 -1.97 22.97
C GLU B 290 -4.13 -1.88 24.38
N GLY B 291 -4.43 -2.86 25.23
CA GLY B 291 -3.87 -2.93 26.57
C GLY B 291 -4.87 -2.68 27.71
N MET B 292 -5.95 -1.96 27.44
CA MET B 292 -6.96 -1.68 28.47
C MET B 292 -7.66 -2.94 28.94
N SER B 293 -8.09 -2.95 30.18
CA SER B 293 -8.73 -4.12 30.73
C SER B 293 -10.05 -4.37 30.02
N ALA B 294 -10.54 -5.59 30.14
CA ALA B 294 -11.77 -5.99 29.52
C ALA B 294 -12.36 -7.11 30.35
N ARG B 295 -13.52 -6.86 30.93
CA ARG B 295 -14.19 -7.79 31.82
C ARG B 295 -15.57 -8.06 31.26
N VAL B 296 -15.99 -9.31 31.24
CA VAL B 296 -17.29 -9.67 30.70
C VAL B 296 -18.01 -10.58 31.67
N GLU B 297 -19.31 -10.39 31.80
CA GLU B 297 -20.17 -11.26 32.62
C GLU B 297 -21.60 -11.19 32.14
N ALA B 298 -22.38 -12.21 32.49
CA ALA B 298 -23.83 -12.18 32.27
C ALA B 298 -24.52 -11.68 33.53
N ARG C 8 -4.16 -13.41 -19.45
CA ARG C 8 -3.99 -13.72 -18.00
C ARG C 8 -5.04 -12.95 -17.15
N PRO C 9 -5.70 -13.67 -16.23
CA PRO C 9 -6.88 -13.08 -15.60
C PRO C 9 -6.51 -12.11 -14.49
N ILE C 10 -7.34 -11.08 -14.33
CA ILE C 10 -7.02 -10.00 -13.43
C ILE C 10 -8.19 -9.65 -12.54
N ILE C 11 -7.91 -9.44 -11.26
CA ILE C 11 -8.89 -8.90 -10.35
C ILE C 11 -8.40 -7.58 -9.83
N ALA C 12 -9.17 -6.54 -10.05
CA ALA C 12 -8.88 -5.26 -9.44
C ALA C 12 -9.73 -5.16 -8.18
N PHE C 13 -9.08 -4.90 -7.06
CA PHE C 13 -9.67 -5.04 -5.73
C PHE C 13 -9.69 -3.72 -4.96
N MET C 14 -10.87 -3.33 -4.50
CA MET C 14 -11.11 -2.04 -3.85
C MET C 14 -11.90 -2.33 -2.62
N SER C 15 -11.41 -1.93 -1.45
CA SER C 15 -12.15 -2.17 -0.24
C SER C 15 -12.03 -1.02 0.73
N ASP C 16 -12.71 -1.19 1.86
CA ASP C 16 -12.64 -0.26 2.96
C ASP C 16 -11.88 -0.93 4.10
N LEU C 17 -11.16 -2.01 3.77
CA LEU C 17 -10.49 -2.83 4.79
C LEU C 17 -9.20 -2.24 5.37
N GLY C 18 -8.66 -1.20 4.75
CA GLY C 18 -7.45 -0.58 5.22
C GLY C 18 -6.21 -1.37 4.83
N THR C 19 -5.06 -0.78 5.14
CA THR C 19 -3.76 -1.32 4.77
C THR C 19 -2.92 -1.61 6.04
N THR C 20 -3.56 -1.77 7.20
CA THR C 20 -2.81 -1.86 8.46
C THR C 20 -2.88 -3.22 9.14
N ASP C 21 -3.62 -4.17 8.59
CA ASP C 21 -3.64 -5.50 9.18
C ASP C 21 -3.64 -6.57 8.09
N ASP C 22 -4.00 -7.79 8.45
CA ASP C 22 -3.99 -8.90 7.51
C ASP C 22 -5.27 -9.06 6.68
N SER C 23 -6.23 -8.16 6.81
CA SER C 23 -7.57 -8.36 6.20
C SER C 23 -7.52 -8.59 4.69
N VAL C 24 -6.86 -7.65 4.01
CA VAL C 24 -6.76 -7.67 2.58
C VAL C 24 -6.00 -8.91 2.13
N ALA C 25 -4.97 -9.30 2.88
CA ALA C 25 -4.12 -10.42 2.51
C ALA C 25 -4.89 -11.72 2.55
N GLN C 26 -5.79 -11.85 3.52
CA GLN C 26 -6.64 -13.05 3.62
C GLN C 26 -7.49 -13.22 2.36
N CYS C 27 -8.08 -12.13 1.89
CA CYS C 27 -8.78 -12.11 0.61
C CYS C 27 -7.87 -12.52 -0.53
N LYS C 28 -6.66 -11.98 -0.55
CA LYS C 28 -5.73 -12.28 -1.64
C LYS C 28 -5.32 -13.73 -1.61
N GLY C 29 -4.96 -14.25 -0.45
CA GLY C 29 -4.58 -15.64 -0.30
C GLY C 29 -5.63 -16.52 -0.93
N LEU C 30 -6.88 -16.25 -0.60
CA LEU C 30 -8.00 -16.97 -1.17
C LEU C 30 -8.10 -16.80 -2.67
N MET C 31 -7.80 -15.61 -3.17
CA MET C 31 -7.86 -15.36 -4.61
C MET C 31 -6.85 -16.19 -5.38
N TYR C 32 -5.66 -16.36 -4.81
CA TYR C 32 -4.62 -17.15 -5.45
C TYR C 32 -4.91 -18.63 -5.23
N SER C 33 -5.67 -18.95 -4.20
CA SER C 33 -6.09 -20.32 -3.96
C SER C 33 -7.09 -20.77 -5.03
N ILE C 34 -7.99 -19.88 -5.40
CA ILE C 34 -9.08 -20.24 -6.32
C ILE C 34 -8.65 -20.12 -7.77
N CYS C 35 -7.63 -19.31 -8.02
CA CYS C 35 -7.21 -18.98 -9.38
C CYS C 35 -5.72 -18.62 -9.34
N PRO C 36 -4.84 -19.64 -9.39
CA PRO C 36 -3.40 -19.43 -9.11
C PRO C 36 -2.67 -18.51 -10.10
N ASP C 37 -3.17 -18.40 -11.33
CA ASP C 37 -2.56 -17.54 -12.34
C ASP C 37 -3.11 -16.10 -12.36
N VAL C 38 -3.99 -15.76 -11.41
CA VAL C 38 -4.57 -14.43 -11.35
C VAL C 38 -3.52 -13.40 -10.95
N THR C 39 -3.71 -12.20 -11.47
CA THR C 39 -3.00 -11.04 -10.97
C THR C 39 -3.98 -10.18 -10.20
N VAL C 40 -3.63 -9.85 -8.97
CA VAL C 40 -4.49 -9.02 -8.15
C VAL C 40 -3.92 -7.63 -8.12
N VAL C 41 -4.73 -6.66 -8.48
CA VAL C 41 -4.33 -5.29 -8.50
C VAL C 41 -5.14 -4.54 -7.49
N ASP C 42 -4.45 -3.92 -6.55
CA ASP C 42 -5.08 -3.08 -5.56
C ASP C 42 -5.52 -1.77 -6.18
N VAL C 43 -6.78 -1.45 -6.02
CA VAL C 43 -7.24 -0.17 -6.44
C VAL C 43 -6.88 0.73 -5.27
N CYS C 44 -7.66 0.66 -4.21
CA CYS C 44 -7.27 1.23 -2.94
C CYS C 44 -8.07 0.60 -1.84
N HIS C 45 -7.53 0.66 -0.63
CA HIS C 45 -8.18 0.08 0.53
C HIS C 45 -8.44 1.09 1.64
N SER C 46 -8.38 2.37 1.28
CA SER C 46 -8.36 3.49 2.21
C SER C 46 -9.65 4.27 2.29
N MET C 47 -10.69 3.84 1.60
CA MET C 47 -11.92 4.61 1.61
C MET C 47 -12.52 4.73 3.00
N THR C 48 -13.24 5.83 3.21
CA THR C 48 -13.95 6.05 4.46
C THR C 48 -14.92 4.90 4.57
N PRO C 49 -14.85 4.15 5.65
CA PRO C 49 -15.73 3.02 5.79
C PRO C 49 -17.20 3.43 5.61
N TRP C 50 -17.95 2.61 4.87
CA TRP C 50 -19.41 2.69 4.75
C TRP C 50 -19.91 3.80 3.84
N ASP C 51 -18.99 4.61 3.32
CA ASP C 51 -19.37 5.70 2.45
C ASP C 51 -19.39 5.18 1.02
N VAL C 52 -20.56 4.71 0.59
CA VAL C 52 -20.68 4.07 -0.73
C VAL C 52 -20.45 5.08 -1.83
N GLU C 53 -20.81 6.34 -1.60
CA GLU C 53 -20.58 7.39 -2.60
C GLU C 53 -19.07 7.55 -2.87
N GLU C 54 -18.25 7.52 -1.83
CA GLU C 54 -16.79 7.63 -2.01
C GLU C 54 -16.21 6.43 -2.76
N GLY C 55 -16.64 5.23 -2.38
CA GLY C 55 -16.22 4.02 -3.08
C GLY C 55 -16.62 4.07 -4.54
N ALA C 56 -17.84 4.52 -4.81
CA ALA C 56 -18.31 4.64 -6.17
C ALA C 56 -17.31 5.39 -7.02
N ARG C 57 -16.81 6.52 -6.52
CA ARG C 57 -15.90 7.38 -7.30
C ARG C 57 -14.63 6.66 -7.70
N TYR C 58 -14.10 5.84 -6.80
CA TYR C 58 -12.84 5.16 -7.05
C TYR C 58 -12.94 4.01 -8.07
N ILE C 59 -14.14 3.57 -8.39
CA ILE C 59 -14.29 2.42 -9.27
C ILE C 59 -14.94 2.71 -10.60
N VAL C 60 -15.59 3.86 -10.70
CA VAL C 60 -16.37 4.14 -11.89
C VAL C 60 -15.54 4.27 -13.16
N ASP C 61 -14.29 4.73 -13.05
CA ASP C 61 -13.50 5.03 -14.26
C ASP C 61 -12.49 3.95 -14.61
N LEU C 62 -12.51 2.83 -13.91
CA LEU C 62 -11.48 1.81 -14.10
C LEU C 62 -11.51 1.07 -15.45
N PRO C 63 -12.69 0.78 -15.98
CA PRO C 63 -12.67 -0.27 -17.02
C PRO C 63 -11.81 0.00 -18.25
N ARG C 64 -11.76 1.24 -18.70
CA ARG C 64 -11.02 1.52 -19.93
C ARG C 64 -9.52 1.34 -19.80
N PHE C 65 -9.02 1.38 -18.57
CA PHE C 65 -7.60 1.21 -18.32
C PHE C 65 -7.17 -0.25 -18.30
N PHE C 66 -8.12 -1.16 -18.08
CA PHE C 66 -7.76 -2.56 -17.81
C PHE C 66 -8.02 -3.43 -19.01
N PRO C 67 -7.30 -4.57 -19.11
CA PRO C 67 -7.53 -5.53 -20.18
C PRO C 67 -8.91 -6.12 -20.08
N GLU C 68 -9.50 -6.44 -21.22
CA GLU C 68 -10.83 -7.05 -21.28
C GLU C 68 -10.82 -8.37 -20.51
N GLY C 69 -11.91 -8.65 -19.80
CA GLY C 69 -12.02 -9.84 -18.96
C GLY C 69 -11.72 -9.57 -17.49
N THR C 70 -11.27 -8.36 -17.18
CA THR C 70 -10.90 -8.00 -15.82
C THR C 70 -12.15 -7.97 -14.95
N VAL C 71 -12.00 -8.52 -13.75
CA VAL C 71 -13.06 -8.49 -12.75
C VAL C 71 -12.74 -7.43 -11.68
N PHE C 72 -13.71 -6.54 -11.43
CA PHE C 72 -13.60 -5.56 -10.36
C PHE C 72 -14.32 -6.04 -9.15
N ALA C 73 -13.57 -6.36 -8.10
CA ALA C 73 -14.14 -6.75 -6.82
C ALA C 73 -14.10 -5.51 -5.95
N THR C 74 -15.26 -5.04 -5.54
CA THR C 74 -15.38 -3.72 -4.96
C THR C 74 -16.27 -3.79 -3.76
N THR C 75 -15.80 -3.36 -2.60
CA THR C 75 -16.60 -3.53 -1.41
C THR C 75 -16.38 -2.62 -0.21
N THR C 76 -17.44 -1.96 0.18
CA THR C 76 -17.65 -1.68 1.60
C THR C 76 -18.94 -2.39 1.99
N TYR C 77 -18.89 -3.18 3.04
CA TYR C 77 -19.96 -4.10 3.32
C TYR C 77 -20.58 -3.89 4.74
N PRO C 78 -21.14 -2.70 5.00
CA PRO C 78 -21.79 -2.46 6.32
C PRO C 78 -22.90 -3.46 6.69
N ALA C 79 -23.52 -4.09 5.68
CA ALA C 79 -24.55 -5.10 5.90
C ALA C 79 -23.98 -6.52 6.00
N THR C 80 -22.69 -6.65 6.27
CA THR C 80 -22.08 -7.97 6.48
C THR C 80 -22.85 -8.76 7.56
N GLY C 81 -22.96 -10.07 7.37
CA GLY C 81 -23.62 -10.95 8.32
C GLY C 81 -25.14 -10.99 8.25
N THR C 82 -25.75 -10.16 7.41
CA THR C 82 -27.19 -10.17 7.25
C THR C 82 -27.54 -11.06 6.06
N THR C 83 -28.82 -11.07 5.68
CA THR C 83 -29.31 -11.93 4.59
C THR C 83 -29.03 -11.37 3.21
N THR C 84 -28.45 -10.18 3.16
CA THR C 84 -28.13 -9.60 1.86
C THR C 84 -27.12 -10.44 1.09
N ARG C 85 -27.16 -10.32 -0.21
CA ARG C 85 -26.22 -11.03 -1.06
C ARG C 85 -25.64 -10.08 -2.09
N SER C 86 -24.40 -10.32 -2.48
CA SER C 86 -23.77 -9.47 -3.47
C SER C 86 -24.45 -9.60 -4.81
N VAL C 87 -24.17 -8.62 -5.65
CA VAL C 87 -24.60 -8.59 -7.03
C VAL C 87 -23.37 -8.64 -7.91
N ALA C 88 -23.44 -9.42 -8.99
CA ALA C 88 -22.36 -9.47 -9.99
C ALA C 88 -22.91 -9.03 -11.33
N VAL C 89 -22.23 -8.09 -11.98
CA VAL C 89 -22.79 -7.37 -13.11
C VAL C 89 -21.77 -7.34 -14.24
N ARG C 90 -22.24 -7.63 -15.44
CA ARG C 90 -21.43 -7.46 -16.62
C ARG C 90 -21.87 -6.15 -17.22
N ILE C 91 -20.97 -5.17 -17.23
CA ILE C 91 -21.30 -3.86 -17.73
C ILE C 91 -21.31 -3.85 -19.25
N LYS C 92 -21.88 -2.82 -19.82
CA LYS C 92 -22.06 -2.75 -21.29
C LYS C 92 -20.88 -2.05 -21.99
N GLN C 93 -20.79 -0.74 -21.87
CA GLN C 93 -19.70 0.04 -22.48
C GLN C 93 -18.64 0.31 -21.45
N ALA C 94 -17.38 0.14 -21.84
CA ALA C 94 -16.26 0.62 -21.03
C ALA C 94 -16.21 2.15 -21.02
N ALA C 95 -16.86 2.78 -22.01
CA ALA C 95 -17.10 4.23 -22.06
C ALA C 95 -15.82 5.00 -22.31
N LYS C 96 -15.95 6.13 -22.99
CA LYS C 96 -14.85 7.09 -23.06
C LYS C 96 -14.89 7.95 -21.78
N GLY C 97 -13.74 8.52 -21.41
CA GLY C 97 -13.63 9.36 -20.21
C GLY C 97 -12.53 10.40 -20.32
N GLY C 98 -12.28 11.10 -19.22
CA GLY C 98 -11.29 12.18 -19.22
C GLY C 98 -11.85 13.54 -19.57
N ALA C 99 -10.96 14.54 -19.62
CA ALA C 99 -11.33 15.94 -19.87
C ALA C 99 -11.96 16.19 -21.25
N ARG C 100 -11.70 15.30 -22.22
CA ARG C 100 -12.21 15.44 -23.60
C ARG C 100 -13.24 14.36 -23.96
N GLY C 101 -12.97 13.10 -23.59
CA GLY C 101 -13.76 11.96 -24.02
C GLY C 101 -12.97 11.14 -25.04
N GLN C 102 -12.23 10.14 -24.56
CA GLN C 102 -11.30 9.36 -25.39
C GLN C 102 -11.08 7.95 -24.79
N TRP C 103 -10.47 7.04 -25.55
CA TRP C 103 -9.91 5.82 -24.96
C TRP C 103 -8.55 6.12 -24.33
N ALA C 104 -8.08 5.22 -23.47
CA ALA C 104 -6.81 5.38 -22.74
C ALA C 104 -5.75 4.53 -23.41
N GLY C 105 -4.51 4.95 -23.30
CA GLY C 105 -3.40 4.20 -23.88
C GLY C 105 -2.61 4.98 -24.91
N SER C 106 -1.55 4.36 -25.40
CA SER C 106 -0.71 4.96 -26.41
C SER C 106 -1.45 5.03 -27.75
N GLY C 107 -0.92 5.83 -28.66
CA GLY C 107 -1.56 6.09 -29.95
C GLY C 107 -2.90 6.78 -29.75
N ALA C 108 -3.92 6.24 -30.39
CA ALA C 108 -5.29 6.75 -30.26
C ALA C 108 -6.06 6.02 -29.17
N GLY C 109 -5.37 5.18 -28.41
CA GLY C 109 -5.97 4.50 -27.27
C GLY C 109 -6.28 3.06 -27.60
N PHE C 110 -6.62 2.29 -26.57
CA PHE C 110 -7.01 0.92 -26.74
C PHE C 110 -8.49 0.92 -26.56
N GLU C 111 -9.22 0.61 -27.62
CA GLU C 111 -10.66 0.57 -27.50
C GLU C 111 -11.05 -0.81 -27.00
N ARG C 112 -12.12 -0.86 -26.23
CA ARG C 112 -12.49 -2.03 -25.48
C ARG C 112 -13.83 -2.51 -25.97
N ALA C 113 -13.94 -3.81 -26.20
CA ALA C 113 -15.19 -4.44 -26.62
C ALA C 113 -16.27 -4.23 -25.54
N GLU C 114 -17.53 -4.20 -25.95
CA GLU C 114 -18.65 -4.18 -25.01
C GLU C 114 -18.67 -5.47 -24.20
N GLY C 115 -19.30 -5.42 -23.02
CA GLY C 115 -19.44 -6.60 -22.18
C GLY C 115 -18.16 -7.31 -21.75
N SER C 116 -17.08 -6.56 -21.62
CA SER C 116 -15.77 -7.16 -21.33
C SER C 116 -15.34 -7.08 -19.87
N TYR C 117 -16.22 -6.60 -18.99
CA TYR C 117 -15.83 -6.35 -17.62
C TYR C 117 -16.94 -6.77 -16.68
N ILE C 118 -16.57 -7.34 -15.53
CA ILE C 118 -17.52 -7.73 -14.51
C ILE C 118 -17.21 -6.99 -13.22
N TYR C 119 -18.23 -6.43 -12.60
CA TYR C 119 -18.10 -5.87 -11.28
C TYR C 119 -18.80 -6.79 -10.32
N ILE C 120 -18.25 -6.97 -9.14
CA ILE C 120 -18.95 -7.72 -8.12
C ILE C 120 -18.86 -6.91 -6.82
N ALA C 121 -20.01 -6.74 -6.16
CA ALA C 121 -20.13 -5.80 -5.09
C ALA C 121 -21.31 -6.06 -4.25
N PRO C 122 -21.25 -5.61 -2.99
CA PRO C 122 -22.46 -5.61 -2.21
C PRO C 122 -23.55 -4.87 -2.97
N ASN C 123 -24.78 -5.30 -2.78
CA ASN C 123 -25.90 -4.66 -3.41
C ASN C 123 -26.40 -3.63 -2.40
N ASN C 124 -25.62 -2.55 -2.25
CA ASN C 124 -25.91 -1.47 -1.32
C ASN C 124 -25.75 -0.08 -1.93
N GLY C 125 -25.66 -0.02 -3.24
CA GLY C 125 -25.58 1.24 -3.94
C GLY C 125 -24.22 1.51 -4.53
N LEU C 126 -23.24 0.69 -4.17
CA LEU C 126 -21.85 0.97 -4.54
C LEU C 126 -21.64 1.04 -6.06
N LEU C 127 -22.46 0.34 -6.85
CA LEU C 127 -22.30 0.35 -8.30
C LEU C 127 -23.20 1.36 -8.99
N THR C 128 -23.85 2.23 -8.24
CA THR C 128 -24.78 3.18 -8.82
C THR C 128 -24.20 3.90 -10.03
N THR C 129 -23.04 4.51 -9.88
CA THR C 129 -22.50 5.33 -10.95
C THR C 129 -21.85 4.48 -12.04
N VAL C 130 -21.40 3.28 -11.67
CA VAL C 130 -20.90 2.33 -12.67
C VAL C 130 -22.00 1.98 -13.68
N LEU C 131 -23.20 1.72 -13.19
CA LEU C 131 -24.33 1.40 -14.05
C LEU C 131 -24.76 2.60 -14.88
N GLU C 132 -24.82 3.78 -14.26
CA GLU C 132 -25.13 5.03 -14.97
C GLU C 132 -24.21 5.30 -16.14
N GLU C 133 -22.91 5.21 -15.91
CA GLU C 133 -21.96 5.60 -16.94
C GLU C 133 -21.67 4.48 -17.92
N HIS C 134 -21.84 3.23 -17.50
CA HIS C 134 -21.45 2.11 -18.34
C HIS C 134 -22.63 1.29 -18.84
N GLY C 135 -23.79 1.38 -18.17
CA GLY C 135 -24.89 0.45 -18.44
C GLY C 135 -24.51 -0.98 -18.09
N TYR C 136 -25.45 -1.93 -18.15
CA TYR C 136 -25.09 -3.34 -17.97
C TYR C 136 -25.90 -4.31 -18.83
N LEU C 137 -25.31 -5.45 -19.14
CA LEU C 137 -25.97 -6.48 -19.94
C LEU C 137 -26.73 -7.48 -19.09
N GLU C 138 -26.13 -7.89 -17.98
CA GLU C 138 -26.73 -8.91 -17.12
C GLU C 138 -26.31 -8.65 -15.67
N ALA C 139 -27.13 -9.11 -14.73
CA ALA C 139 -26.90 -8.85 -13.32
C ALA C 139 -27.49 -9.97 -12.48
N TYR C 140 -26.70 -10.51 -11.56
CA TYR C 140 -27.10 -11.65 -10.76
C TYR C 140 -26.84 -11.44 -9.28
N GLU C 141 -27.70 -12.08 -8.48
CA GLU C 141 -27.49 -12.22 -7.07
C GLU C 141 -26.50 -13.36 -6.92
N VAL C 142 -25.49 -13.17 -6.08
CA VAL C 142 -24.43 -14.14 -5.90
C VAL C 142 -24.81 -15.04 -4.73
N THR C 143 -25.32 -16.24 -5.02
CA THR C 143 -25.80 -17.15 -3.96
C THR C 143 -25.27 -18.57 -3.99
N SER C 144 -24.68 -19.00 -5.11
CA SER C 144 -24.31 -20.38 -5.23
C SER C 144 -23.20 -20.73 -4.25
N PRO C 145 -23.37 -21.84 -3.50
CA PRO C 145 -22.26 -22.30 -2.66
C PRO C 145 -21.03 -22.77 -3.45
N LYS C 146 -21.11 -22.85 -4.78
CA LYS C 146 -19.91 -23.09 -5.56
C LYS C 146 -18.98 -21.88 -5.54
N VAL C 147 -19.53 -20.67 -5.36
CA VAL C 147 -18.70 -19.46 -5.38
C VAL C 147 -18.69 -18.65 -4.09
N ILE C 148 -19.51 -19.01 -3.10
CA ILE C 148 -19.41 -18.42 -1.77
C ILE C 148 -19.42 -19.51 -0.71
N PRO C 149 -19.03 -19.18 0.53
CA PRO C 149 -18.99 -20.19 1.58
C PRO C 149 -20.38 -20.57 2.06
N GLU C 150 -20.56 -21.83 2.42
CA GLU C 150 -21.81 -22.31 3.01
C GLU C 150 -22.01 -21.71 4.42
N GLN C 151 -20.91 -21.39 5.09
CA GLN C 151 -20.99 -20.70 6.37
C GLN C 151 -20.14 -19.44 6.36
N PRO C 152 -20.69 -18.38 5.79
CA PRO C 152 -19.90 -17.16 5.68
C PRO C 152 -19.66 -16.51 7.02
N GLU C 153 -18.42 -16.09 7.25
CA GLU C 153 -18.02 -15.36 8.45
C GLU C 153 -18.88 -14.11 8.61
N PRO C 154 -19.67 -14.01 9.71
CA PRO C 154 -20.66 -12.91 9.77
C PRO C 154 -20.08 -11.50 9.64
N THR C 155 -18.89 -11.25 10.21
CA THR C 155 -18.28 -9.95 10.14
C THR C 155 -17.36 -9.76 8.94
N PHE C 156 -17.33 -10.69 7.99
CA PHE C 156 -16.40 -10.49 6.88
C PHE C 156 -16.96 -10.82 5.50
N TYR C 157 -18.19 -10.38 5.23
CA TYR C 157 -18.76 -10.57 3.88
C TYR C 157 -17.93 -9.97 2.74
N SER C 158 -17.10 -8.96 3.03
CA SER C 158 -16.17 -8.42 2.02
C SER C 158 -15.28 -9.52 1.46
N ARG C 159 -14.87 -10.44 2.32
CA ARG C 159 -14.07 -11.56 1.90
C ARG C 159 -14.97 -12.63 1.34
N GLU C 160 -16.06 -12.91 2.04
CA GLU C 160 -16.82 -14.12 1.75
C GLU C 160 -17.72 -13.94 0.52
N MET C 161 -18.25 -12.74 0.34
CA MET C 161 -19.31 -12.49 -0.64
C MET C 161 -18.86 -11.63 -1.79
N VAL C 162 -17.59 -11.25 -1.79
CA VAL C 162 -17.06 -10.45 -2.88
C VAL C 162 -15.75 -11.02 -3.38
N ALA C 163 -14.81 -11.21 -2.47
CA ALA C 163 -13.46 -11.60 -2.84
C ALA C 163 -13.39 -13.03 -3.34
N ILE C 164 -14.04 -13.92 -2.61
CA ILE C 164 -14.07 -15.33 -2.97
C ILE C 164 -14.72 -15.49 -4.34
N PRO C 165 -15.97 -15.02 -4.49
CA PRO C 165 -16.64 -15.21 -5.79
C PRO C 165 -16.00 -14.47 -6.95
N SER C 166 -15.31 -13.35 -6.68
CA SER C 166 -14.61 -12.64 -7.75
C SER C 166 -13.47 -13.48 -8.32
N ALA C 167 -12.87 -14.31 -7.47
CA ALA C 167 -11.81 -15.20 -7.93
C ALA C 167 -12.36 -16.33 -8.80
N HIS C 168 -13.54 -16.84 -8.45
CA HIS C 168 -14.18 -17.87 -9.29
C HIS C 168 -14.51 -17.29 -10.64
N LEU C 169 -15.13 -16.11 -10.62
CA LEU C 169 -15.42 -15.37 -11.85
C LEU C 169 -14.17 -15.14 -12.67
N ALA C 170 -13.10 -14.71 -12.02
CA ALA C 170 -11.83 -14.49 -12.72
C ALA C 170 -11.31 -15.78 -13.40
N ALA C 171 -11.56 -16.92 -12.75
CA ALA C 171 -11.18 -18.24 -13.26
C ALA C 171 -12.15 -18.78 -14.32
N GLY C 172 -13.04 -17.93 -14.82
CA GLY C 172 -13.95 -18.32 -15.87
C GLY C 172 -15.23 -19.00 -15.41
N PHE C 173 -15.50 -19.03 -14.11
CA PHE C 173 -16.79 -19.55 -13.65
C PHE C 173 -17.93 -18.74 -14.30
N PRO C 174 -18.89 -19.43 -14.96
CA PRO C 174 -19.96 -18.72 -15.71
C PRO C 174 -20.78 -17.75 -14.86
N LEU C 175 -20.88 -16.51 -15.32
CA LEU C 175 -21.54 -15.46 -14.55
C LEU C 175 -22.99 -15.78 -14.27
N SER C 176 -23.69 -16.42 -15.21
CA SER C 176 -25.14 -16.71 -15.08
C SER C 176 -25.46 -17.82 -14.06
N GLU C 177 -24.45 -18.56 -13.62
CA GLU C 177 -24.60 -19.62 -12.62
C GLU C 177 -24.34 -19.18 -11.16
N VAL C 178 -24.02 -17.90 -10.93
CA VAL C 178 -23.72 -17.45 -9.55
C VAL C 178 -24.99 -17.34 -8.73
N GLY C 179 -26.10 -17.08 -9.40
CA GLY C 179 -27.41 -17.08 -8.76
C GLY C 179 -28.40 -16.50 -9.71
N ARG C 180 -29.58 -16.15 -9.20
CA ARG C 180 -30.71 -15.76 -10.06
C ARG C 180 -30.49 -14.39 -10.67
N PRO C 181 -31.15 -14.12 -11.81
CA PRO C 181 -31.04 -12.79 -12.41
C PRO C 181 -31.76 -11.74 -11.57
N LEU C 182 -31.30 -10.49 -11.65
CA LEU C 182 -31.87 -9.44 -10.87
C LEU C 182 -32.60 -8.46 -11.79
N GLU C 183 -33.81 -8.11 -11.41
CA GLU C 183 -34.53 -7.02 -12.08
C GLU C 183 -33.87 -5.71 -11.67
N ASP C 184 -33.84 -4.76 -12.60
CA ASP C 184 -33.18 -3.50 -12.40
C ASP C 184 -33.55 -2.83 -11.08
N HIS C 185 -34.81 -2.89 -10.68
CA HIS C 185 -35.24 -2.23 -9.45
C HIS C 185 -34.74 -2.96 -8.18
N GLU C 186 -34.28 -4.20 -8.33
CA GLU C 186 -33.71 -4.92 -7.20
C GLU C 186 -32.26 -4.52 -6.92
N ILE C 187 -31.66 -3.78 -7.84
CA ILE C 187 -30.31 -3.25 -7.65
C ILE C 187 -30.40 -1.91 -6.97
N VAL C 188 -29.95 -1.88 -5.71
CA VAL C 188 -30.03 -0.69 -4.89
C VAL C 188 -29.19 0.43 -5.49
N ARG C 189 -29.74 1.62 -5.45
CA ARG C 189 -29.12 2.84 -5.94
C ARG C 189 -29.06 3.90 -4.86
N PHE C 190 -28.08 4.78 -4.93
CA PHE C 190 -28.13 6.00 -4.18
C PHE C 190 -28.49 7.14 -5.11
N ASN C 191 -29.06 8.20 -4.53
CA ASN C 191 -29.45 9.38 -5.31
C ASN C 191 -28.22 10.20 -5.61
N ARG C 192 -27.95 10.41 -6.89
CA ARG C 192 -26.89 11.33 -7.24
C ARG C 192 -27.54 12.72 -7.27
N PRO C 193 -27.00 13.66 -6.47
CA PRO C 193 -27.59 14.99 -6.49
C PRO C 193 -27.33 15.66 -7.85
N ALA C 194 -28.36 16.19 -8.50
CA ALA C 194 -28.17 16.84 -9.79
C ALA C 194 -27.49 18.19 -9.64
N VAL C 195 -27.03 18.72 -10.76
CA VAL C 195 -26.41 20.02 -10.83
C VAL C 195 -27.50 21.01 -11.28
N GLU C 196 -27.70 22.06 -10.50
CA GLU C 196 -28.83 22.94 -10.71
C GLU C 196 -28.39 24.21 -11.40
N GLN C 197 -29.22 24.73 -12.29
CA GLN C 197 -28.99 26.04 -12.88
C GLN C 197 -29.66 27.09 -12.02
N ASP C 198 -29.11 28.31 -12.02
CA ASP C 198 -29.56 29.34 -11.07
C ASP C 198 -29.13 30.73 -11.55
N GLY C 199 -30.04 31.46 -12.20
CA GLY C 199 -29.62 32.53 -13.09
C GLY C 199 -28.90 31.80 -14.21
N GLU C 200 -27.72 32.30 -14.60
CA GLU C 200 -26.80 31.58 -15.50
C GLU C 200 -25.59 30.93 -14.77
N ALA C 201 -25.71 30.83 -13.44
CA ALA C 201 -24.80 30.02 -12.63
C ALA C 201 -25.16 28.52 -12.65
N LEU C 202 -24.17 27.67 -12.36
CA LEU C 202 -24.39 26.26 -12.09
C LEU C 202 -24.05 25.98 -10.64
N VAL C 203 -24.84 25.14 -9.99
CA VAL C 203 -24.69 24.86 -8.56
C VAL C 203 -24.62 23.36 -8.32
N GLY C 204 -23.55 22.96 -7.67
CA GLY C 204 -23.37 21.59 -7.25
C GLY C 204 -22.53 21.55 -6.01
N VAL C 205 -21.67 20.54 -5.92
CA VAL C 205 -20.92 20.27 -4.69
C VAL C 205 -19.47 19.89 -5.00
N VAL C 206 -18.65 20.00 -3.98
CA VAL C 206 -17.34 19.44 -3.98
C VAL C 206 -17.53 17.96 -3.79
N SER C 207 -17.16 17.18 -4.79
CA SER C 207 -17.32 15.72 -4.74
C SER C 207 -16.12 15.05 -4.11
N ALA C 208 -14.94 15.65 -4.19
CA ALA C 208 -13.74 15.05 -3.62
C ALA C 208 -12.61 16.02 -3.49
N ILE C 209 -11.79 15.78 -2.49
CA ILE C 209 -10.49 16.37 -2.34
C ILE C 209 -9.52 15.37 -2.92
N ASP C 210 -8.68 15.86 -3.81
CA ASP C 210 -7.77 15.03 -4.55
C ASP C 210 -6.49 14.87 -3.75
N HIS C 211 -6.45 13.85 -2.90
CA HIS C 211 -5.25 13.57 -2.12
C HIS C 211 -4.23 12.94 -3.01
N PRO C 212 -2.94 13.17 -2.73
CA PRO C 212 -2.38 13.97 -1.65
C PRO C 212 -2.18 15.45 -1.99
N PHE C 213 -2.67 15.91 -3.14
CA PHE C 213 -2.37 17.25 -3.64
C PHE C 213 -3.28 18.36 -3.08
N GLY C 214 -4.44 18.01 -2.57
CA GLY C 214 -5.34 19.03 -2.03
C GLY C 214 -6.02 19.85 -3.12
N ASN C 215 -6.13 19.28 -4.33
CA ASN C 215 -6.94 19.85 -5.38
C ASN C 215 -8.40 19.59 -5.05
N VAL C 216 -9.30 20.41 -5.58
CA VAL C 216 -10.71 20.27 -5.27
C VAL C 216 -11.49 19.87 -6.50
N TRP C 217 -12.23 18.77 -6.42
CA TRP C 217 -13.07 18.30 -7.52
C TRP C 217 -14.53 18.58 -7.23
N THR C 218 -15.25 19.04 -8.23
CA THR C 218 -16.68 19.26 -8.08
C THR C 218 -17.42 18.18 -8.86
N ASN C 219 -18.74 18.21 -8.78
CA ASN C 219 -19.58 17.31 -9.56
C ASN C 219 -20.09 18.01 -10.79
N ILE C 220 -19.53 19.16 -11.13
CA ILE C 220 -20.00 19.90 -12.29
C ILE C 220 -19.23 19.44 -13.51
N HIS C 221 -19.90 18.73 -14.40
CA HIS C 221 -19.24 18.12 -15.53
C HIS C 221 -19.02 19.12 -16.64
N ARG C 222 -18.08 18.83 -17.54
CA ARG C 222 -17.87 19.61 -18.76
C ARG C 222 -19.15 19.78 -19.57
N THR C 223 -19.95 18.72 -19.69
CA THR C 223 -21.22 18.79 -20.41
C THR C 223 -22.11 19.87 -19.77
N ASP C 224 -22.14 19.92 -18.44
CA ASP C 224 -22.89 20.99 -17.73
C ASP C 224 -22.33 22.38 -18.08
N LEU C 225 -21.02 22.46 -18.27
CA LEU C 225 -20.38 23.72 -18.61
C LEU C 225 -20.62 24.16 -20.05
N GLU C 226 -20.53 23.22 -21.01
CA GLU C 226 -20.71 23.59 -22.41
C GLU C 226 -22.14 24.05 -22.65
N LYS C 227 -23.11 23.39 -22.02
CA LYS C 227 -24.52 23.81 -22.13
C LYS C 227 -24.86 25.07 -21.30
N ALA C 228 -23.86 25.78 -20.79
CA ALA C 228 -24.06 27.14 -20.26
C ALA C 228 -23.08 28.13 -20.88
N GLY C 229 -22.44 27.74 -21.97
CA GLY C 229 -21.62 28.64 -22.78
C GLY C 229 -20.21 28.80 -22.28
N ILE C 230 -19.69 27.78 -21.61
CA ILE C 230 -18.41 27.89 -20.91
C ILE C 230 -17.39 26.88 -21.46
N GLY C 231 -16.32 27.40 -22.05
CA GLY C 231 -15.22 26.59 -22.55
C GLY C 231 -13.89 27.16 -22.09
N TYR C 232 -12.80 26.50 -22.48
CA TYR C 232 -11.45 26.92 -22.05
C TYR C 232 -11.21 28.39 -22.42
N GLY C 233 -10.65 29.15 -21.47
CA GLY C 233 -10.44 30.58 -21.64
C GLY C 233 -11.53 31.45 -21.00
N ALA C 234 -12.69 30.86 -20.67
CA ALA C 234 -13.76 31.60 -19.97
C ALA C 234 -13.30 32.02 -18.59
N ARG C 235 -13.50 33.30 -18.25
CA ARG C 235 -13.18 33.81 -16.90
C ARG C 235 -14.31 33.49 -15.97
N LEU C 236 -13.99 32.81 -14.88
CA LEU C 236 -14.99 32.13 -14.06
C LEU C 236 -14.92 32.57 -12.64
N ARG C 237 -16.07 32.55 -11.98
CA ARG C 237 -16.14 32.74 -10.56
C ARG C 237 -16.64 31.46 -9.95
N LEU C 238 -15.86 30.90 -9.05
CA LEU C 238 -16.19 29.63 -8.45
C LEU C 238 -16.21 29.80 -6.96
N THR C 239 -17.39 29.66 -6.37
CA THR C 239 -17.60 29.92 -4.98
C THR C 239 -17.81 28.61 -4.24
N LEU C 240 -16.95 28.31 -3.28
CA LEU C 240 -17.07 27.12 -2.45
C LEU C 240 -17.65 27.48 -1.11
N ASP C 241 -18.42 26.58 -0.51
CA ASP C 241 -18.92 26.75 0.85
C ASP C 241 -19.79 27.98 1.02
N GLY C 242 -20.43 28.41 -0.06
CA GLY C 242 -21.20 29.66 -0.05
C GLY C 242 -20.39 30.94 0.10
N VAL C 243 -19.16 30.85 0.59
CA VAL C 243 -18.41 32.04 1.00
C VAL C 243 -17.03 32.31 0.35
N LEU C 244 -16.34 31.26 -0.09
CA LEU C 244 -14.98 31.39 -0.65
C LEU C 244 -14.96 31.51 -2.14
N PRO C 245 -15.08 32.73 -2.66
CA PRO C 245 -15.15 32.82 -4.08
C PRO C 245 -13.72 32.62 -4.60
N PHE C 246 -13.59 32.23 -5.86
CA PHE C 246 -12.32 32.27 -6.56
C PHE C 246 -12.62 32.70 -7.95
N GLU C 247 -11.63 33.30 -8.59
CA GLU C 247 -11.76 33.72 -9.97
C GLU C 247 -10.53 33.32 -10.73
N ALA C 248 -10.73 32.79 -11.92
CA ALA C 248 -9.63 32.41 -12.78
C ALA C 248 -10.24 32.01 -14.09
N PRO C 249 -9.43 32.07 -15.14
CA PRO C 249 -9.89 31.51 -16.39
C PRO C 249 -9.85 29.99 -16.33
N LEU C 250 -10.77 29.34 -17.00
CA LEU C 250 -10.74 27.89 -17.12
C LEU C 250 -9.59 27.47 -18.02
N THR C 251 -8.63 26.72 -17.47
CA THR C 251 -7.43 26.30 -18.20
C THR C 251 -7.32 24.79 -18.25
N PRO C 252 -6.47 24.25 -19.16
CA PRO C 252 -6.33 22.80 -19.29
C PRO C 252 -5.57 22.15 -18.16
N THR C 253 -4.62 22.87 -17.59
CA THR C 253 -3.77 22.29 -16.57
C THR C 253 -3.35 23.28 -15.49
N PHE C 254 -2.63 22.75 -14.51
CA PHE C 254 -2.23 23.50 -13.30
C PHE C 254 -1.23 24.60 -13.61
N ALA C 255 -0.24 24.26 -14.44
CA ALA C 255 0.90 25.15 -14.74
C ALA C 255 0.50 26.41 -15.51
N ASP C 256 -0.68 26.41 -16.12
CA ASP C 256 -1.17 27.61 -16.79
C ASP C 256 -1.51 28.73 -15.81
N ALA C 257 -1.52 28.46 -14.51
CA ALA C 257 -1.86 29.48 -13.52
C ALA C 257 -0.79 30.57 -13.37
N GLY C 258 0.38 30.36 -13.94
CA GLY C 258 1.48 31.31 -13.83
C GLY C 258 2.35 30.97 -12.63
N GLU C 259 2.41 31.87 -11.67
CA GLU C 259 3.29 31.68 -10.51
C GLU C 259 2.86 30.49 -9.62
N ILE C 260 3.83 29.93 -8.92
CA ILE C 260 3.55 28.93 -7.89
C ILE C 260 2.63 29.50 -6.81
N GLY C 261 1.62 28.73 -6.43
CA GLY C 261 0.61 29.16 -5.47
C GLY C 261 -0.64 29.75 -6.08
N ASN C 262 -0.58 30.15 -7.35
CA ASN C 262 -1.74 30.75 -8.00
C ASN C 262 -2.86 29.76 -8.30
N ILE C 263 -4.06 30.29 -8.45
CA ILE C 263 -5.27 29.49 -8.61
C ILE C 263 -5.45 29.05 -10.05
N ALA C 264 -5.63 27.75 -10.25
CA ALA C 264 -6.05 27.20 -11.52
C ALA C 264 -7.45 26.60 -11.39
N ILE C 265 -8.33 26.93 -12.32
CA ILE C 265 -9.58 26.26 -12.49
C ILE C 265 -9.48 25.45 -13.79
N TYR C 266 -9.72 24.16 -13.71
CA TYR C 266 -9.45 23.26 -14.81
C TYR C 266 -10.44 22.12 -14.86
N LEU C 267 -10.36 21.32 -15.92
CA LEU C 267 -11.16 20.10 -16.01
C LEU C 267 -10.26 18.95 -15.64
N ASN C 268 -10.70 18.13 -14.71
CA ASN C 268 -9.82 17.10 -14.20
C ASN C 268 -9.83 15.93 -15.16
N SER C 269 -9.09 14.89 -14.82
CA SER C 269 -8.93 13.74 -15.70
C SER C 269 -10.19 12.89 -15.84
N ARG C 270 -11.29 13.30 -15.22
CA ARG C 270 -12.58 12.65 -15.43
C ARG C 270 -13.55 13.57 -16.13
N GLY C 271 -13.10 14.77 -16.49
CA GLY C 271 -13.97 15.78 -17.10
C GLY C 271 -14.76 16.73 -16.18
N TYR C 272 -14.49 16.72 -14.88
CA TYR C 272 -15.24 17.55 -13.92
C TYR C 272 -14.52 18.85 -13.55
N LEU C 273 -15.30 19.89 -13.28
CA LEU C 273 -14.75 21.18 -12.93
C LEU C 273 -13.98 21.07 -11.63
N SER C 274 -12.77 21.60 -11.63
CA SER C 274 -11.90 21.45 -10.51
C SER C 274 -11.14 22.73 -10.27
N ILE C 275 -10.60 22.83 -9.07
CA ILE C 275 -9.81 23.97 -8.71
C ILE C 275 -8.62 23.57 -7.87
N ALA C 276 -7.49 24.25 -8.09
CA ALA C 276 -6.25 23.95 -7.39
C ALA C 276 -5.35 25.18 -7.26
N ARG C 277 -4.26 25.02 -6.52
CA ARG C 277 -3.20 25.99 -6.59
C ARG C 277 -2.08 25.32 -7.34
N ASN C 278 -1.39 26.13 -8.13
CA ASN C 278 -0.25 25.68 -8.89
C ASN C 278 0.83 25.25 -7.89
N ALA C 279 1.14 23.95 -7.87
CA ALA C 279 2.25 23.40 -7.06
C ALA C 279 2.11 23.72 -5.55
N ALA C 280 0.88 23.82 -5.10
CA ALA C 280 0.62 24.00 -3.68
C ALA C 280 -0.75 23.42 -3.44
N SER C 281 -1.02 23.12 -2.19
CA SER C 281 -2.29 22.53 -1.84
C SER C 281 -3.33 23.59 -1.60
N LEU C 282 -4.50 23.43 -2.23
CA LEU C 282 -5.59 24.35 -2.03
C LEU C 282 -6.44 24.00 -0.82
N ALA C 283 -6.80 22.73 -0.74
CA ALA C 283 -7.80 22.26 0.22
C ALA C 283 -7.33 22.18 1.67
N TYR C 284 -6.06 21.84 1.88
CA TYR C 284 -5.60 21.52 3.24
C TYR C 284 -5.49 22.76 4.12
N PRO C 285 -4.78 23.82 3.65
CA PRO C 285 -4.71 25.04 4.45
C PRO C 285 -6.06 25.65 4.82
N TYR C 286 -7.09 25.38 4.02
CA TYR C 286 -8.40 25.96 4.23
C TYR C 286 -9.42 24.92 4.63
N HIS C 287 -8.96 23.73 5.01
CA HIS C 287 -9.85 22.67 5.48
C HIS C 287 -11.12 22.50 4.62
N LEU C 288 -10.96 22.51 3.29
CA LEU C 288 -12.10 22.26 2.42
C LEU C 288 -12.44 20.78 2.46
N LYS C 289 -13.71 20.45 2.26
CA LYS C 289 -14.19 19.08 2.43
C LYS C 289 -15.16 18.64 1.36
N GLU C 290 -15.10 17.35 1.04
CA GLU C 290 -16.14 16.70 0.29
C GLU C 290 -17.48 17.10 0.93
N GLY C 291 -18.44 17.54 0.12
CA GLY C 291 -19.77 17.91 0.59
C GLY C 291 -20.08 19.40 0.51
N MET C 292 -19.07 20.25 0.57
CA MET C 292 -19.30 21.70 0.54
C MET C 292 -19.91 22.13 -0.78
N SER C 293 -20.70 23.19 -0.75
CA SER C 293 -21.32 23.69 -1.95
C SER C 293 -20.25 24.17 -2.93
N ALA C 294 -20.63 24.27 -4.19
CA ALA C 294 -19.77 24.72 -5.23
C ALA C 294 -20.65 25.35 -6.30
N ARG C 295 -20.44 26.64 -6.53
CA ARG C 295 -21.22 27.42 -7.48
C ARG C 295 -20.25 28.02 -8.49
N VAL C 296 -20.60 27.96 -9.77
CA VAL C 296 -19.73 28.51 -10.80
C VAL C 296 -20.55 29.38 -11.72
N GLU C 297 -19.96 30.48 -12.18
CA GLU C 297 -20.57 31.35 -13.19
C GLU C 297 -19.49 32.13 -13.92
N ALA C 298 -19.85 32.66 -15.09
CA ALA C 298 -19.00 33.59 -15.82
C ALA C 298 -19.42 35.02 -15.47
N1 EFA D . 16.57 0.94 16.82
C2 EFA D . 16.55 -0.40 16.77
N3 EFA D . 16.16 -1.02 15.65
C4 EFA D . 15.76 -0.25 14.61
C5 EFA D . 15.79 1.09 14.66
C6 EFA D . 16.20 1.68 15.77
N6 EFA D . 16.23 3.00 15.74
N7 EFA D . 15.37 1.60 13.51
C8 EFA D . 15.05 0.57 12.73
N9 EFA D . 15.27 -0.56 13.42
C1' EFA D . 15.09 -1.95 12.95
C2' EFA D . 13.61 -2.16 12.56
O2' EFA D . 12.93 -2.91 13.55
C3' EFA D . 13.67 -2.88 11.23
O3' EFA D . 12.89 -4.04 11.25
C4' EFA D . 15.14 -3.25 11.12
O4' EFA D . 15.85 -2.19 11.76
C5' EFA D . 15.54 -3.31 9.66
F5' EFA D . 15.79 -4.47 9.45
CAA EFA D . 17.30 -1.77 18.79
CAF EFA D . 16.95 -1.12 17.85
N1 EFA E . -20.23 -1.53 11.65
C2 EFA E . -20.71 -1.92 10.43
N3 EFA E . -19.93 -2.51 9.54
C4 EFA E . -18.64 -2.71 9.86
C5 EFA E . -18.14 -2.32 11.04
C6 EFA E . -18.95 -1.72 11.95
N6 EFA E . -18.43 -1.35 13.13
N7 EFA E . -16.85 -2.63 11.09
C8 EFA E . -16.56 -3.21 9.92
N9 EFA E . -17.66 -3.25 9.17
C1' EFA E . -17.78 -3.78 7.80
C2' EFA E . -16.94 -2.98 6.79
O2' EFA E . -17.73 -2.29 5.91
C3' EFA E . -16.07 -4.03 6.07
O3' EFA E . -15.97 -3.91 4.64
C4' EFA E . -16.89 -5.22 6.41
O4' EFA E . -17.22 -5.08 7.81
C5' EFA E . -16.04 -6.46 6.21
F5' EFA E . -16.74 -7.17 5.67
CAA EFA E . -23.15 -1.55 9.90
CAF EFA E . -21.99 -1.72 10.16
N1 EFA F . -0.11 21.64 -9.17
C2 EFA F . 0.85 21.19 -9.98
N3 EFA F . 0.93 19.88 -10.29
C4 EFA F . 0.03 19.02 -9.79
C5 EFA F . -0.95 19.46 -8.99
C6 EFA F . -1.01 20.77 -8.69
N6 EFA F . -1.97 21.19 -7.88
N7 EFA F . -1.68 18.41 -8.66
C8 EFA F . -1.19 17.32 -9.23
N9 EFA F . -0.12 17.70 -9.94
C1' EFA F . 0.76 16.79 -10.76
C2' EFA F . 1.50 15.79 -9.83
O2' EFA F . 2.89 16.11 -9.76
C3' EFA F . 1.21 14.41 -10.46
O3' EFA F . 2.34 13.56 -10.57
C4' EFA F . 0.74 14.80 -11.83
O4' EFA F . -0.04 15.97 -11.66
C5' EFA F . -0.11 13.69 -12.40
F5' EFA F . 0.35 13.48 -13.66
CAA EFA F . 2.54 22.81 -10.92
CAF EFA F . 1.74 22.03 -10.48
#